data_5T4Z
#
_entry.id   5T4Z
#
_cell.length_a   49.757
_cell.length_b   115.997
_cell.length_c   76.889
_cell.angle_alpha   90.00
_cell.angle_beta   97.39
_cell.angle_gamma   90.00
#
_symmetry.space_group_name_H-M   'P 1 21 1'
#
loop_
_entity.id
_entity.type
_entity.pdbx_description
1 polymer 'antibody DH501 Fab heavy chain'
2 polymer 'antibody DH501 Fab light chain'
3 branched alpha-D-mannopyranose-(1-2)-alpha-D-mannopyranose-(1-3)-alpha-D-mannopyranose
4 non-polymer 'CALCIUM ION'
5 water water
#
loop_
_entity_poly.entity_id
_entity_poly.type
_entity_poly.pdbx_seq_one_letter_code
_entity_poly.pdbx_strand_id
1 'polypeptide(L)'
;QVTLKEFGPALVKPTQPLTLTCSFSGFSLRSSDTAVVWIRQPPGKALEWLAAIYWDDVEHINPSLKSRLSISKDSPNSLV
VLTMANMDPVDTATYYCGRVRFVSGGYYTDRIDSWGPGLLVTVSSASTKGPSVFPLAPSSRSTSESTAALGCLVKDYFPE
PVTVSWNSGSLTSGVHTFPAVLQSSGLYSLSSVVTVPSSSLGTQTYVCNVNHKPSNTKVDKRVEIKTCGG
;
H,A
2 'polypeptide(L)'
;QSVLTQPPSVSGAPGQRVTISCAGTKSNIGDCSVSWYQQLPGATPRLLIYQNNNRPSGVSDRFSGSKSGTSASLAITGLQ
TEDEADYFCLSYDTSFSGWRFGGGTRLTVLGQPKASPTVTLFPPSSEELQANKATLVCLISDFYPGVVKVAWKADGSAVN
AGVETTTPSKQSNNKYAASSYLSLTSDQWKSHKSYSCQVTHEGSTVEKTVAPAECS
;
L,B
#
loop_
_chem_comp.id
_chem_comp.type
_chem_comp.name
_chem_comp.formula
CA non-polymer 'CALCIUM ION' 'Ca 2'
MAN D-saccharide, alpha linking alpha-D-mannopyranose 'C6 H12 O6'
#
# COMPACT_ATOMS: atom_id res chain seq x y z
N GLN A 1 -14.58 -19.09 3.70
CA GLN A 1 -13.89 -19.33 4.97
C GLN A 1 -14.26 -18.30 6.05
N VAL A 2 -14.34 -17.04 5.65
CA VAL A 2 -14.77 -15.95 6.54
C VAL A 2 -16.17 -15.49 6.15
N THR A 3 -17.04 -15.29 7.15
CA THR A 3 -18.39 -14.72 6.95
C THR A 3 -18.76 -13.76 8.08
N LEU A 4 -19.57 -12.76 7.75
CA LEU A 4 -20.09 -11.87 8.79
C LEU A 4 -21.57 -11.68 8.53
N LYS A 5 -22.32 -11.31 9.56
CA LYS A 5 -23.76 -11.07 9.39
C LYS A 5 -24.20 -9.92 10.26
N GLU A 6 -25.01 -9.02 9.69
CA GLU A 6 -25.49 -7.86 10.44
C GLU A 6 -26.85 -8.22 11.05
N PHE A 7 -27.06 -7.81 12.30
CA PHE A 7 -28.34 -7.94 12.98
C PHE A 7 -28.79 -6.56 13.40
N GLY A 8 -30.09 -6.34 13.51
CA GLY A 8 -30.60 -5.03 13.83
C GLY A 8 -31.96 -4.82 13.20
N PRO A 9 -32.58 -3.68 13.50
CA PRO A 9 -33.94 -3.38 13.00
C PRO A 9 -33.91 -2.97 11.54
N ALA A 10 -34.93 -3.40 10.79
CA ALA A 10 -35.10 -2.97 9.40
C ALA A 10 -35.53 -1.52 9.28
N LEU A 11 -36.10 -1.00 10.37
CA LEU A 11 -36.58 0.38 10.40
C LEU A 11 -36.24 1.08 11.71
N VAL A 12 -36.11 2.40 11.64
CA VAL A 12 -35.88 3.21 12.84
C VAL A 12 -36.55 4.57 12.60
N LYS A 13 -37.01 5.21 13.67
CA LYS A 13 -37.73 6.47 13.57
C LYS A 13 -36.79 7.67 13.74
N PRO A 14 -37.06 8.77 13.02
CA PRO A 14 -36.20 9.95 13.12
C PRO A 14 -35.99 10.36 14.57
N THR A 15 -34.80 10.90 14.84
CA THR A 15 -34.30 11.29 16.15
C THR A 15 -34.02 10.12 17.12
N GLN A 16 -34.46 8.90 16.80
CA GLN A 16 -34.13 7.73 17.64
C GLN A 16 -32.74 7.18 17.34
N PRO A 17 -32.17 6.42 18.28
CA PRO A 17 -30.86 5.84 18.02
C PRO A 17 -30.94 4.51 17.27
N LEU A 18 -29.97 4.28 16.38
CA LEU A 18 -29.86 3.00 15.69
C LEU A 18 -28.71 2.19 16.29
N THR A 19 -28.98 0.93 16.61
CA THR A 19 -27.95 0.05 17.15
C THR A 19 -27.90 -1.21 16.29
N LEU A 20 -26.73 -1.45 15.69
CA LEU A 20 -26.51 -2.61 14.84
C LEU A 20 -25.48 -3.53 15.46
N THR A 21 -25.62 -4.82 15.18
CA THR A 21 -24.75 -5.83 15.73
C THR A 21 -24.17 -6.73 14.64
N CYS A 22 -22.85 -6.87 14.64
CA CYS A 22 -22.16 -7.68 13.66
C CYS A 22 -21.67 -8.97 14.31
N SER A 23 -22.07 -10.10 13.75
CA SER A 23 -21.58 -11.41 14.16
C SER A 23 -20.64 -11.97 13.10
N PHE A 24 -19.46 -12.48 13.47
CA PHE A 24 -18.54 -12.94 12.43
C PHE A 24 -17.97 -14.33 12.67
N SER A 25 -17.40 -14.90 11.61
CA SER A 25 -16.90 -16.26 11.64
C SER A 25 -15.67 -16.47 10.76
N GLY A 26 -14.75 -17.30 11.24
CA GLY A 26 -13.61 -17.73 10.45
C GLY A 26 -12.36 -16.92 10.72
N PHE A 27 -12.46 -16.02 11.68
CA PHE A 27 -11.31 -15.29 12.17
C PHE A 27 -11.52 -14.81 13.60
N SER A 28 -10.44 -14.43 14.28
CA SER A 28 -10.56 -13.91 15.64
C SER A 28 -10.18 -12.44 15.74
N LEU A 29 -11.04 -11.66 16.39
CA LEU A 29 -10.79 -10.24 16.58
C LEU A 29 -9.63 -9.99 17.56
N ARG A 30 -9.02 -11.07 18.03
CA ARG A 30 -7.82 -10.98 18.86
C ARG A 30 -6.54 -10.93 18.01
N SER A 31 -6.64 -11.25 16.72
CA SER A 31 -5.46 -11.25 15.84
C SER A 31 -4.93 -9.84 15.63
N SER A 32 -3.60 -9.69 15.71
CA SER A 32 -2.99 -8.36 15.78
C SER A 32 -2.91 -7.65 14.43
N ASP A 33 -3.62 -8.18 13.45
CA ASP A 33 -3.64 -7.61 12.11
C ASP A 33 -5.07 -7.33 11.69
N THR A 34 -5.98 -7.33 12.66
CA THR A 34 -7.41 -7.49 12.39
C THR A 34 -8.21 -6.38 13.03
N ALA A 35 -9.27 -5.97 12.34
CA ALA A 35 -10.30 -5.08 12.87
C ALA A 35 -11.64 -5.39 12.21
N VAL A 36 -12.70 -4.88 12.80
CA VAL A 36 -14.03 -5.01 12.20
C VAL A 36 -14.59 -3.63 11.92
N VAL A 37 -15.04 -3.43 10.68
CA VAL A 37 -15.51 -2.13 10.23
C VAL A 37 -17.00 -2.15 9.90
N TRP A 38 -17.64 -0.98 10.04
CA TRP A 38 -19.01 -0.73 9.64
C TRP A 38 -19.01 0.25 8.47
N ILE A 39 -19.65 -0.13 7.38
CA ILE A 39 -19.70 0.65 6.14
C ILE A 39 -21.18 0.88 5.81
N ARG A 40 -21.55 2.03 5.27
CA ARG A 40 -22.94 2.16 4.78
C ARG A 40 -23.00 2.71 3.36
N GLN A 41 -24.17 2.52 2.75
CA GLN A 41 -24.39 2.93 1.37
C GLN A 41 -25.85 3.28 1.19
N PRO A 42 -26.16 4.58 1.06
CA PRO A 42 -27.53 4.94 0.70
C PRO A 42 -27.86 4.33 -0.66
N PRO A 43 -29.13 4.04 -0.92
CA PRO A 43 -29.51 3.43 -2.21
C PRO A 43 -29.00 4.26 -3.39
N GLY A 44 -28.29 3.62 -4.31
CA GLY A 44 -27.80 4.31 -5.48
C GLY A 44 -26.61 5.24 -5.26
N LYS A 45 -26.07 5.29 -4.05
CA LYS A 45 -24.97 6.20 -3.74
C LYS A 45 -23.66 5.48 -3.39
N ALA A 46 -22.69 6.23 -2.88
CA ALA A 46 -21.35 5.69 -2.62
C ALA A 46 -21.24 4.99 -1.29
N LEU A 47 -20.25 4.12 -1.19
CA LEU A 47 -19.84 3.58 0.08
C LEU A 47 -19.30 4.68 1.00
N GLU A 48 -19.56 4.55 2.28
CA GLU A 48 -19.10 5.50 3.30
C GLU A 48 -18.60 4.78 4.55
N TRP A 49 -17.38 5.11 4.98
CA TRP A 49 -16.78 4.50 6.17
C TRP A 49 -17.44 5.06 7.43
N LEU A 50 -17.95 4.19 8.31
CA LEU A 50 -18.56 4.67 9.56
C LEU A 50 -17.56 4.59 10.73
N ALA A 51 -17.23 3.37 11.14
CA ALA A 51 -16.37 3.16 12.29
C ALA A 51 -15.69 1.79 12.21
N ALA A 52 -14.42 1.70 12.60
CA ALA A 52 -13.75 0.42 12.75
C ALA A 52 -13.17 0.28 14.15
N ILE A 53 -13.24 -0.93 14.70
CA ILE A 53 -12.68 -1.25 16.02
C ILE A 53 -11.63 -2.36 15.89
N TYR A 54 -10.47 -2.09 16.48
CA TYR A 54 -9.27 -2.90 16.26
C TYR A 54 -9.04 -3.87 17.39
N TRP A 55 -8.19 -4.86 17.10
CA TRP A 55 -7.88 -5.94 18.03
C TRP A 55 -7.48 -5.43 19.42
N ASP A 56 -6.81 -4.27 19.47
CA ASP A 56 -6.34 -3.68 20.73
C ASP A 56 -7.20 -2.49 21.15
N ASP A 57 -8.40 -2.44 20.58
CA ASP A 57 -9.44 -1.44 20.87
C ASP A 57 -9.10 -0.02 20.45
N VAL A 58 -8.14 0.14 19.56
CA VAL A 58 -8.04 1.38 18.83
C VAL A 58 -9.34 1.52 18.03
N GLU A 59 -9.83 2.75 17.84
CA GLU A 59 -11.02 2.97 17.03
C GLU A 59 -10.71 3.98 15.92
N HIS A 60 -11.25 3.76 14.73
CA HIS A 60 -11.18 4.77 13.68
C HIS A 60 -12.60 5.12 13.24
N ILE A 61 -13.09 6.26 13.70
CA ILE A 61 -14.45 6.71 13.43
C ILE A 61 -14.43 7.89 12.45
N ASN A 62 -15.29 7.83 11.43
CA ASN A 62 -15.50 8.94 10.51
C ASN A 62 -15.62 10.25 11.27
N PRO A 63 -14.69 11.19 11.03
CA PRO A 63 -14.70 12.45 11.77
C PRO A 63 -15.98 13.24 11.53
N SER A 64 -16.59 13.09 10.35
CA SER A 64 -17.86 13.73 10.06
C SER A 64 -19.02 13.21 10.91
N LEU A 65 -18.85 12.05 11.54
CA LEU A 65 -19.97 11.38 12.23
C LEU A 65 -19.61 11.02 13.67
N LYS A 66 -18.40 11.44 14.06
CA LYS A 66 -17.83 11.18 15.37
C LYS A 66 -18.78 11.44 16.54
N SER A 67 -19.53 12.54 16.47
CA SER A 67 -20.33 12.96 17.63
C SER A 67 -21.60 12.08 17.77
N ARG A 68 -21.86 11.25 16.76
CA ARG A 68 -23.09 10.44 16.72
C ARG A 68 -22.83 8.95 16.91
N LEU A 69 -21.62 8.49 16.59
CA LEU A 69 -21.28 7.06 16.56
C LEU A 69 -20.55 6.52 17.79
N SER A 70 -20.79 5.26 18.11
CA SER A 70 -19.91 4.54 19.04
C SER A 70 -19.79 3.13 18.55
N ILE A 71 -18.73 2.45 18.96
CA ILE A 71 -18.53 1.08 18.52
C ILE A 71 -17.88 0.33 19.67
N SER A 72 -18.14 -0.97 19.78
CA SER A 72 -17.55 -1.76 20.85
C SER A 72 -17.48 -3.20 20.44
N LYS A 73 -16.75 -4.00 21.20
CA LYS A 73 -16.64 -5.39 20.79
C LYS A 73 -16.75 -6.37 21.92
N ASP A 74 -17.11 -7.59 21.55
CA ASP A 74 -17.10 -8.73 22.44
C ASP A 74 -16.40 -9.83 21.67
N SER A 75 -15.07 -9.84 21.74
CA SER A 75 -14.26 -10.78 20.98
C SER A 75 -14.55 -12.24 21.28
N PRO A 76 -14.75 -12.60 22.57
CA PRO A 76 -15.04 -14.02 22.81
C PRO A 76 -16.31 -14.55 22.14
N ASN A 77 -17.26 -13.68 21.82
CA ASN A 77 -18.51 -14.12 21.22
C ASN A 77 -18.62 -13.69 19.77
N SER A 78 -17.53 -13.14 19.25
CA SER A 78 -17.46 -12.71 17.86
C SER A 78 -18.61 -11.76 17.53
N LEU A 79 -18.77 -10.72 18.34
CA LEU A 79 -19.81 -9.70 18.13
C LEU A 79 -19.22 -8.29 18.16
N VAL A 80 -19.69 -7.42 17.27
CA VAL A 80 -19.27 -6.02 17.28
C VAL A 80 -20.49 -5.14 17.14
N VAL A 81 -20.60 -4.14 18.02
CA VAL A 81 -21.79 -3.29 18.03
C VAL A 81 -21.49 -1.88 17.55
N LEU A 82 -22.38 -1.35 16.71
CA LEU A 82 -22.32 0.04 16.26
C LEU A 82 -23.58 0.78 16.76
N THR A 83 -23.43 1.95 17.35
CA THR A 83 -24.60 2.77 17.60
C THR A 83 -24.46 4.09 16.89
N MET A 84 -25.58 4.57 16.35
CA MET A 84 -25.61 5.86 15.69
C MET A 84 -26.79 6.68 16.19
N ALA A 85 -26.51 7.86 16.72
CA ALA A 85 -27.51 8.67 17.41
C ALA A 85 -28.30 9.56 16.44
N ASN A 86 -29.48 10.01 16.89
CA ASN A 86 -30.30 11.01 16.20
C ASN A 86 -30.46 10.73 14.70
N MET A 87 -31.16 9.65 14.41
CA MET A 87 -31.31 9.25 13.01
C MET A 87 -32.17 10.26 12.22
N ASP A 88 -31.86 10.31 10.95
CA ASP A 88 -32.37 11.29 10.01
C ASP A 88 -32.79 10.49 8.77
N PRO A 89 -33.83 10.93 8.02
CA PRO A 89 -34.17 10.19 6.79
C PRO A 89 -33.01 9.97 5.80
N VAL A 90 -32.04 10.88 5.74
CA VAL A 90 -30.90 10.70 4.85
C VAL A 90 -30.02 9.49 5.27
N ASP A 91 -30.27 8.94 6.45
CA ASP A 91 -29.51 7.80 6.96
C ASP A 91 -30.05 6.45 6.49
N THR A 92 -31.14 6.47 5.75
CA THR A 92 -31.63 5.25 5.12
C THR A 92 -30.55 4.68 4.20
N ALA A 93 -30.12 3.46 4.48
CA ALA A 93 -28.98 2.91 3.77
C ALA A 93 -28.81 1.44 4.08
N THR A 94 -28.04 0.77 3.23
CA THR A 94 -27.55 -0.55 3.55
C THR A 94 -26.30 -0.43 4.42
N TYR A 95 -26.35 -1.09 5.57
CA TYR A 95 -25.25 -1.08 6.52
C TYR A 95 -24.52 -2.41 6.47
N TYR A 96 -23.25 -2.36 6.09
CA TYR A 96 -22.38 -3.55 6.03
C TYR A 96 -21.39 -3.56 7.17
N CYS A 97 -21.08 -4.75 7.67
CA CYS A 97 -19.90 -4.92 8.52
C CYS A 97 -18.91 -5.81 7.79
N GLY A 98 -17.62 -5.60 8.07
CA GLY A 98 -16.58 -6.25 7.30
C GLY A 98 -15.36 -6.54 8.14
N ARG A 99 -14.49 -7.43 7.65
CA ARG A 99 -13.19 -7.58 8.26
C ARG A 99 -12.19 -6.65 7.62
N VAL A 100 -11.45 -5.95 8.46
CA VAL A 100 -10.32 -5.14 8.02
C VAL A 100 -9.04 -5.85 8.41
N ARG A 101 -8.12 -5.97 7.46
CA ARG A 101 -6.79 -6.40 7.85
C ARG A 101 -5.79 -5.38 7.35
N PHE A 102 -4.64 -5.36 7.99
CA PHE A 102 -3.62 -4.35 7.74
C PHE A 102 -2.26 -4.91 8.11
N VAL A 103 -1.20 -4.21 7.69
CA VAL A 103 0.19 -4.56 8.05
C VAL A 103 0.54 -4.00 9.45
N SER A 104 0.95 -4.88 10.36
CA SER A 104 1.28 -4.44 11.70
C SER A 104 2.47 -3.49 11.67
N GLY A 105 2.32 -2.32 12.28
CA GLY A 105 3.38 -1.32 12.27
C GLY A 105 3.32 -0.41 11.06
N GLY A 106 2.56 -0.81 10.05
CA GLY A 106 2.47 -0.07 8.81
C GLY A 106 1.65 1.21 8.88
N TYR A 107 1.55 1.88 7.74
CA TYR A 107 0.95 3.21 7.65
C TYR A 107 -0.35 3.19 6.84
N TYR A 108 -1.47 2.95 7.54
CA TYR A 108 -2.82 2.96 6.96
C TYR A 108 -2.96 2.06 5.73
N THR A 109 -2.42 0.85 5.83
CA THR A 109 -2.49 -0.13 4.75
C THR A 109 -3.83 -0.87 4.73
N ASP A 110 -4.73 -0.49 5.64
CA ASP A 110 -5.92 -1.31 5.90
C ASP A 110 -6.77 -1.53 4.67
N ARG A 111 -7.30 -2.74 4.55
CA ARG A 111 -8.14 -3.16 3.45
C ARG A 111 -9.35 -3.87 4.04
N ILE A 112 -10.50 -3.77 3.40
CA ILE A 112 -11.68 -4.52 3.83
C ILE A 112 -11.75 -5.82 3.01
N ASP A 113 -11.17 -6.90 3.52
CA ASP A 113 -11.04 -8.09 2.67
C ASP A 113 -12.25 -9.03 2.77
N SER A 114 -13.14 -8.80 3.73
CA SER A 114 -14.33 -9.65 3.84
C SER A 114 -15.54 -8.84 4.25
N TRP A 115 -16.70 -9.17 3.65
CA TRP A 115 -17.90 -8.35 3.77
C TRP A 115 -19.16 -9.15 4.15
N GLY A 116 -19.93 -8.65 5.11
CA GLY A 116 -21.26 -9.20 5.35
C GLY A 116 -22.19 -8.82 4.20
N PRO A 117 -23.39 -9.43 4.13
CA PRO A 117 -24.31 -9.12 3.02
C PRO A 117 -24.99 -7.76 3.17
N GLY A 118 -24.98 -7.21 4.38
CA GLY A 118 -25.54 -5.88 4.56
C GLY A 118 -27.02 -5.87 4.94
N LEU A 119 -27.36 -4.96 5.84
CA LEU A 119 -28.72 -4.81 6.33
C LEU A 119 -29.27 -3.47 5.88
N LEU A 120 -30.40 -3.50 5.17
CA LEU A 120 -31.04 -2.26 4.74
C LEU A 120 -31.83 -1.71 5.90
N VAL A 121 -31.46 -0.53 6.37
CA VAL A 121 -32.17 0.14 7.43
C VAL A 121 -32.88 1.32 6.81
N THR A 122 -34.20 1.35 6.96
CA THR A 122 -35.00 2.47 6.50
C THR A 122 -35.35 3.38 7.67
N VAL A 123 -34.97 4.65 7.58
CA VAL A 123 -35.36 5.64 8.61
C VAL A 123 -36.67 6.30 8.20
N SER A 124 -37.71 6.10 8.99
CA SER A 124 -39.03 6.66 8.64
C SER A 124 -39.86 6.73 9.89
N SER A 125 -40.70 7.75 9.97
CA SER A 125 -41.63 7.94 11.08
C SER A 125 -42.85 7.03 10.98
N ALA A 126 -43.05 6.46 9.80
CA ALA A 126 -44.27 5.75 9.48
C ALA A 126 -44.56 4.57 10.41
N SER A 127 -45.84 4.40 10.72
CA SER A 127 -46.29 3.13 11.25
C SER A 127 -46.76 2.29 10.08
N THR A 128 -47.00 1.02 10.35
CA THR A 128 -47.57 0.14 9.34
C THR A 128 -48.86 0.74 8.76
N LYS A 129 -48.96 0.79 7.44
CA LYS A 129 -50.13 1.37 6.78
C LYS A 129 -50.38 0.70 5.44
N GLY A 130 -51.61 0.23 5.23
CA GLY A 130 -51.98 -0.41 3.99
C GLY A 130 -52.19 0.64 2.92
N PRO A 131 -51.94 0.26 1.67
CA PRO A 131 -52.00 1.21 0.55
C PRO A 131 -53.41 1.66 0.25
N SER A 132 -53.57 2.86 -0.31
CA SER A 132 -54.82 3.18 -1.00
C SER A 132 -54.61 2.74 -2.44
N VAL A 133 -55.59 2.06 -3.03
CA VAL A 133 -55.42 1.56 -4.40
C VAL A 133 -56.32 2.28 -5.39
N PHE A 134 -55.71 2.94 -6.37
CA PHE A 134 -56.44 3.73 -7.35
C PHE A 134 -56.28 3.17 -8.75
N PRO A 135 -57.38 3.14 -9.54
CA PRO A 135 -57.30 2.67 -10.92
C PRO A 135 -56.67 3.71 -11.84
N LEU A 136 -55.85 3.25 -12.77
CA LEU A 136 -55.20 4.11 -13.75
C LEU A 136 -55.66 3.79 -15.17
N ALA A 137 -56.40 4.69 -15.80
CA ALA A 137 -56.87 4.42 -17.16
C ALA A 137 -56.62 5.61 -18.08
N PRO A 138 -56.51 5.36 -19.39
CA PRO A 138 -56.33 6.43 -20.38
C PRO A 138 -57.63 7.16 -20.74
N SER A 142 -57.94 8.54 -26.50
CA SER A 142 -56.55 8.08 -26.31
C SER A 142 -56.37 6.61 -26.70
N THR A 143 -57.46 5.96 -27.10
CA THR A 143 -57.45 4.51 -27.32
C THR A 143 -57.60 4.14 -28.78
N SER A 144 -56.96 4.89 -29.67
CA SER A 144 -57.03 4.59 -31.08
C SER A 144 -55.89 3.68 -31.52
N GLU A 145 -54.81 3.62 -30.75
CA GLU A 145 -53.72 2.69 -31.08
C GLU A 145 -54.09 1.26 -30.67
N SER A 146 -53.28 0.30 -31.09
CA SER A 146 -53.64 -1.11 -31.01
C SER A 146 -53.75 -1.64 -29.58
N THR A 147 -52.92 -1.10 -28.71
CA THR A 147 -52.98 -1.50 -27.31
C THR A 147 -53.21 -0.31 -26.42
N ALA A 148 -53.62 -0.59 -25.20
CA ALA A 148 -53.83 0.42 -24.18
C ALA A 148 -53.17 -0.06 -22.89
N ALA A 149 -52.64 0.89 -22.14
CA ALA A 149 -52.04 0.61 -20.84
C ALA A 149 -53.00 1.00 -19.73
N LEU A 150 -53.40 0.01 -18.93
CA LEU A 150 -54.23 0.24 -17.74
C LEU A 150 -53.32 -0.09 -16.59
N GLY A 151 -53.66 0.40 -15.41
CA GLY A 151 -52.79 0.14 -14.29
C GLY A 151 -53.46 0.39 -12.97
N CYS A 152 -52.71 0.22 -11.88
CA CYS A 152 -53.21 0.49 -10.53
C CYS A 152 -52.15 1.15 -9.65
N LEU A 153 -52.45 2.36 -9.20
CA LEU A 153 -51.56 3.12 -8.32
C LEU A 153 -51.69 2.58 -6.91
N VAL A 154 -50.59 2.07 -6.38
CA VAL A 154 -50.60 1.50 -5.04
C VAL A 154 -49.95 2.54 -4.11
N LYS A 155 -50.78 3.31 -3.40
CA LYS A 155 -50.31 4.60 -2.84
C LYS A 155 -50.19 4.64 -1.32
N ASP A 156 -49.06 5.18 -0.83
CA ASP A 156 -48.85 5.49 0.59
C ASP A 156 -48.95 4.30 1.54
N TYR A 157 -48.09 3.29 1.34
CA TYR A 157 -48.07 2.16 2.25
C TYR A 157 -46.73 2.03 3.00
N PHE A 158 -46.72 1.20 4.04
CA PHE A 158 -45.52 0.94 4.84
C PHE A 158 -45.71 -0.31 5.68
N PRO A 159 -44.68 -1.16 5.74
CA PRO A 159 -43.42 -1.05 4.99
C PRO A 159 -43.53 -1.82 3.69
N GLU A 160 -42.41 -2.00 2.99
CA GLU A 160 -42.35 -3.00 1.91
C GLU A 160 -42.55 -4.40 2.52
N PRO A 161 -42.98 -5.39 1.73
CA PRO A 161 -43.32 -5.30 0.30
C PRO A 161 -44.83 -5.34 0.07
N VAL A 162 -45.21 -5.08 -1.16
CA VAL A 162 -46.58 -5.26 -1.59
C VAL A 162 -46.56 -6.23 -2.79
N THR A 163 -47.58 -7.05 -2.95
CA THR A 163 -47.67 -7.85 -4.17
C THR A 163 -48.87 -7.42 -4.99
N VAL A 164 -48.73 -7.46 -6.31
CA VAL A 164 -49.83 -7.11 -7.20
C VAL A 164 -50.02 -8.21 -8.23
N SER A 165 -51.25 -8.68 -8.37
CA SER A 165 -51.59 -9.51 -9.50
C SER A 165 -52.72 -8.86 -10.29
N TRP A 166 -53.03 -9.44 -11.45
CA TRP A 166 -54.10 -8.95 -12.27
C TRP A 166 -55.06 -10.09 -12.55
N ASN A 167 -56.34 -9.84 -12.36
CA ASN A 167 -57.38 -10.89 -12.52
C ASN A 167 -57.05 -12.18 -11.77
N SER A 168 -56.68 -12.03 -10.50
CA SER A 168 -56.34 -13.14 -9.60
C SER A 168 -55.27 -14.08 -10.16
N GLY A 169 -54.32 -13.54 -10.90
CA GLY A 169 -53.25 -14.33 -11.47
C GLY A 169 -53.50 -14.85 -12.88
N SER A 170 -54.75 -14.73 -13.35
CA SER A 170 -55.15 -15.26 -14.66
C SER A 170 -54.56 -14.47 -15.82
N LEU A 171 -53.95 -13.34 -15.50
CA LEU A 171 -53.38 -12.45 -16.50
C LEU A 171 -51.95 -12.08 -16.12
N THR A 172 -51.01 -12.58 -16.93
CA THR A 172 -49.58 -12.40 -16.67
C THR A 172 -48.89 -11.65 -17.80
N SER A 173 -49.33 -11.94 -19.03
CA SER A 173 -48.82 -11.29 -20.23
C SER A 173 -49.05 -9.77 -20.18
N GLY A 174 -47.99 -9.02 -20.47
CA GLY A 174 -48.09 -7.58 -20.52
C GLY A 174 -48.16 -6.86 -19.17
N VAL A 175 -48.00 -7.62 -18.09
CA VAL A 175 -47.96 -7.01 -16.75
C VAL A 175 -46.58 -6.45 -16.40
N HIS A 176 -46.51 -5.18 -16.01
CA HIS A 176 -45.25 -4.61 -15.52
C HIS A 176 -45.52 -3.91 -14.20
N THR A 177 -44.96 -4.46 -13.13
CA THR A 177 -45.06 -3.81 -11.82
C THR A 177 -43.75 -3.10 -11.60
N PHE A 178 -43.83 -1.80 -11.36
CA PHE A 178 -42.65 -0.96 -11.22
C PHE A 178 -42.18 -0.90 -9.77
N PRO A 179 -40.85 -0.84 -9.57
CA PRO A 179 -40.29 -0.68 -8.22
C PRO A 179 -40.87 0.53 -7.51
N ALA A 180 -41.03 0.42 -6.21
CA ALA A 180 -41.65 1.47 -5.42
C ALA A 180 -40.72 2.68 -5.25
N VAL A 181 -41.32 3.84 -5.03
CA VAL A 181 -40.59 5.04 -4.64
C VAL A 181 -40.83 5.24 -3.14
N LEU A 182 -39.77 5.55 -2.39
CA LEU A 182 -39.93 5.97 -0.99
C LEU A 182 -40.04 7.50 -0.96
N GLN A 183 -41.20 7.99 -0.57
CA GLN A 183 -41.43 9.44 -0.64
C GLN A 183 -40.88 10.16 0.59
N SER A 184 -40.79 11.49 0.53
CA SER A 184 -40.21 12.24 1.64
C SER A 184 -41.13 12.11 2.84
N SER A 185 -42.37 11.68 2.60
CA SER A 185 -43.31 11.42 3.69
C SER A 185 -42.91 10.20 4.51
N GLY A 186 -41.98 9.40 3.99
CA GLY A 186 -41.61 8.16 4.65
C GLY A 186 -42.50 6.98 4.30
N LEU A 187 -43.42 7.19 3.36
CA LEU A 187 -44.34 6.15 2.84
C LEU A 187 -43.93 5.77 1.41
N TYR A 188 -44.20 4.53 1.02
CA TYR A 188 -43.95 4.06 -0.35
C TYR A 188 -45.17 4.19 -1.27
N SER A 189 -44.90 4.30 -2.57
CA SER A 189 -45.92 4.15 -3.62
C SER A 189 -45.29 3.41 -4.79
N LEU A 190 -46.07 2.54 -5.42
CA LEU A 190 -45.66 1.93 -6.69
C LEU A 190 -46.84 1.90 -7.63
N SER A 191 -46.57 1.54 -8.89
CA SER A 191 -47.62 1.37 -9.88
C SER A 191 -47.43 0.07 -10.65
N SER A 192 -48.53 -0.61 -10.94
CA SER A 192 -48.49 -1.81 -11.79
C SER A 192 -49.32 -1.54 -13.02
N VAL A 193 -48.79 -1.88 -14.19
CA VAL A 193 -49.55 -1.65 -15.42
C VAL A 193 -49.62 -2.91 -16.25
N VAL A 194 -50.73 -3.03 -16.97
CA VAL A 194 -50.89 -4.13 -17.88
C VAL A 194 -51.27 -3.55 -19.23
N THR A 195 -50.55 -3.96 -20.27
CA THR A 195 -50.82 -3.51 -21.63
C THR A 195 -51.68 -4.56 -22.32
N VAL A 196 -52.85 -4.15 -22.81
CA VAL A 196 -53.86 -5.08 -23.32
C VAL A 196 -54.37 -4.62 -24.68
N PRO A 197 -54.98 -5.52 -25.49
CA PRO A 197 -55.58 -5.08 -26.75
C PRO A 197 -56.63 -4.00 -26.55
N SER A 198 -56.59 -2.94 -27.35
CA SER A 198 -57.59 -1.88 -27.25
C SER A 198 -58.94 -2.40 -27.70
N SER A 199 -58.94 -3.32 -28.66
CA SER A 199 -60.15 -3.85 -29.28
C SER A 199 -61.11 -4.54 -28.32
N SER A 200 -60.56 -5.06 -27.23
CA SER A 200 -61.35 -5.83 -26.27
C SER A 200 -61.44 -5.16 -24.90
N LEU A 201 -61.43 -3.84 -24.88
CA LEU A 201 -61.55 -3.08 -23.64
C LEU A 201 -62.98 -3.16 -23.09
N GLY A 202 -63.93 -3.32 -24.00
CA GLY A 202 -65.33 -3.44 -23.61
C GLY A 202 -65.77 -4.89 -23.51
N THR A 203 -64.82 -5.80 -23.71
CA THR A 203 -65.10 -7.23 -23.70
C THR A 203 -64.42 -7.92 -22.52
N GLN A 204 -63.38 -7.28 -21.99
CA GLN A 204 -62.63 -7.84 -20.89
C GLN A 204 -62.68 -6.94 -19.66
N THR A 205 -62.73 -7.57 -18.48
CA THR A 205 -62.62 -6.85 -17.21
C THR A 205 -61.22 -6.99 -16.64
N TYR A 206 -60.68 -5.87 -16.16
CA TYR A 206 -59.33 -5.87 -15.61
C TYR A 206 -59.34 -5.38 -14.17
N VAL A 207 -58.85 -6.26 -13.28
CA VAL A 207 -58.88 -6.05 -11.85
C VAL A 207 -57.49 -6.24 -11.25
N CYS A 208 -56.98 -5.24 -10.56
CA CYS A 208 -55.69 -5.40 -9.89
C CYS A 208 -55.92 -5.92 -8.48
N ASN A 209 -55.18 -6.97 -8.13
CA ASN A 209 -55.26 -7.56 -6.80
C ASN A 209 -54.02 -7.14 -6.02
N VAL A 210 -54.21 -6.36 -4.97
CA VAL A 210 -53.09 -5.78 -4.21
C VAL A 210 -53.04 -6.31 -2.77
N ASN A 211 -51.95 -7.00 -2.41
CA ASN A 211 -51.80 -7.57 -1.06
C ASN A 211 -50.72 -6.89 -0.24
N HIS A 212 -51.05 -6.50 0.99
CA HIS A 212 -50.05 -5.91 1.87
C HIS A 212 -50.07 -6.64 3.19
N LYS A 213 -49.22 -7.66 3.31
CA LYS A 213 -49.24 -8.54 4.48
C LYS A 213 -49.00 -7.83 5.83
N PRO A 214 -48.05 -6.86 5.88
CA PRO A 214 -47.83 -6.24 7.20
C PRO A 214 -49.08 -5.63 7.82
N SER A 215 -49.94 -5.05 7.00
CA SER A 215 -51.17 -4.41 7.50
C SER A 215 -52.39 -5.31 7.39
N ASN A 216 -52.17 -6.57 7.01
CA ASN A 216 -53.27 -7.50 6.81
C ASN A 216 -54.29 -6.91 5.83
N THR A 217 -53.79 -6.37 4.72
CA THR A 217 -54.62 -5.67 3.74
C THR A 217 -54.65 -6.43 2.42
N LYS A 218 -55.86 -6.69 1.92
CA LYS A 218 -56.07 -7.21 0.57
C LYS A 218 -57.15 -6.40 -0.13
N VAL A 219 -56.76 -5.76 -1.25
CA VAL A 219 -57.65 -4.91 -2.03
C VAL A 219 -57.74 -5.39 -3.49
N ASP A 220 -58.96 -5.47 -4.00
CA ASP A 220 -59.19 -5.67 -5.43
C ASP A 220 -59.80 -4.41 -6.02
N LYS A 221 -59.31 -3.99 -7.18
CA LYS A 221 -59.83 -2.80 -7.82
C LYS A 221 -60.01 -2.98 -9.33
N ARG A 222 -61.26 -2.93 -9.79
CA ARG A 222 -61.57 -2.97 -11.22
C ARG A 222 -61.09 -1.69 -11.91
N VAL A 223 -60.45 -1.83 -13.07
CA VAL A 223 -59.92 -0.68 -13.82
C VAL A 223 -60.75 -0.43 -15.09
N GLU A 224 -61.58 0.61 -15.03
CA GLU A 224 -62.52 0.92 -16.10
C GLU A 224 -62.01 2.03 -17.02
N ILE A 225 -62.14 1.80 -18.32
CA ILE A 225 -61.83 2.78 -19.34
C ILE A 225 -62.75 3.99 -19.17
N LYS A 226 -62.20 5.19 -19.29
CA LYS A 226 -63.05 6.37 -19.30
C LYS A 226 -63.47 6.61 -20.74
N THR A 227 -64.76 6.45 -21.02
CA THR A 227 -65.25 6.66 -22.38
C THR A 227 -65.86 8.05 -22.56
N CYS A 228 -65.61 8.65 -23.72
CA CYS A 228 -66.16 9.97 -24.04
C CYS A 228 -67.08 9.88 -25.24
N GLY A 229 -68.13 10.71 -25.25
CA GLY A 229 -69.09 10.69 -26.33
C GLY A 229 -68.41 10.88 -27.68
N GLY A 230 -68.95 10.24 -28.72
CA GLY A 230 -68.41 10.39 -30.06
C GLY A 230 -68.50 11.80 -30.60
N VAL B 3 -13.27 14.23 -2.12
CA VAL B 3 -11.84 14.52 -2.23
C VAL B 3 -11.13 13.39 -2.99
N LEU B 4 -11.76 12.21 -3.03
CA LEU B 4 -11.39 11.19 -4.01
C LEU B 4 -12.38 11.28 -5.15
N THR B 5 -11.87 11.52 -6.36
CA THR B 5 -12.72 11.78 -7.52
C THR B 5 -12.63 10.65 -8.54
N GLN B 6 -13.76 9.96 -8.76
CA GLN B 6 -13.87 8.96 -9.83
C GLN B 6 -14.90 9.42 -10.88
N PRO B 7 -14.68 9.10 -12.17
CA PRO B 7 -15.77 9.36 -13.12
C PRO B 7 -16.99 8.54 -12.74
N PRO B 8 -18.20 9.09 -12.93
CA PRO B 8 -19.40 8.35 -12.51
C PRO B 8 -19.59 7.10 -13.38
N SER B 9 -19.10 7.17 -14.61
CA SER B 9 -19.41 6.15 -15.58
C SER B 9 -18.26 5.87 -16.55
N VAL B 10 -18.01 4.59 -16.82
CA VAL B 10 -17.06 4.23 -17.86
C VAL B 10 -17.60 3.05 -18.68
N SER B 11 -17.24 3.03 -19.96
CA SER B 11 -17.68 2.01 -20.91
C SER B 11 -16.51 1.25 -21.53
N GLY B 12 -16.79 0.02 -21.94
CA GLY B 12 -15.83 -0.78 -22.68
C GLY B 12 -16.52 -1.90 -23.43
N ALA B 13 -15.85 -2.43 -24.46
CA ALA B 13 -16.35 -3.55 -25.25
C ALA B 13 -15.79 -4.88 -24.74
N PRO B 14 -16.56 -5.97 -24.89
CA PRO B 14 -16.11 -7.28 -24.42
C PRO B 14 -14.75 -7.65 -25.01
N GLY B 15 -13.78 -7.98 -24.15
CA GLY B 15 -12.45 -8.33 -24.61
C GLY B 15 -11.43 -7.22 -24.48
N GLN B 16 -11.89 -5.99 -24.24
CA GLN B 16 -10.98 -4.84 -24.25
C GLN B 16 -10.43 -4.54 -22.86
N ARG B 17 -9.48 -3.61 -22.80
CA ARG B 17 -8.96 -3.13 -21.53
C ARG B 17 -9.60 -1.78 -21.14
N VAL B 18 -10.13 -1.70 -19.92
CA VAL B 18 -10.64 -0.42 -19.43
C VAL B 18 -9.89 -0.04 -18.17
N THR B 19 -9.79 1.26 -17.92
CA THR B 19 -9.17 1.75 -16.69
C THR B 19 -10.15 2.65 -15.95
N ILE B 20 -10.12 2.55 -14.63
CA ILE B 20 -10.94 3.39 -13.76
C ILE B 20 -9.99 4.15 -12.86
N SER B 21 -10.02 5.48 -12.93
CA SER B 21 -9.10 6.28 -12.14
C SER B 21 -9.75 6.95 -10.93
N CYS B 22 -8.94 7.12 -9.89
CA CYS B 22 -9.35 7.79 -8.67
C CYS B 22 -8.40 8.94 -8.38
N ALA B 23 -8.87 10.17 -8.60
CA ALA B 23 -8.02 11.35 -8.47
C ALA B 23 -8.06 11.90 -7.07
N GLY B 24 -6.88 12.11 -6.50
CA GLY B 24 -6.77 12.52 -5.11
C GLY B 24 -5.79 13.65 -4.96
N THR B 25 -5.26 13.77 -3.75
CA THR B 25 -4.27 14.79 -3.40
C THR B 25 -3.14 14.15 -2.63
N LYS B 26 -2.10 14.92 -2.29
CA LYS B 26 -1.01 14.42 -1.49
C LYS B 26 -1.50 13.79 -0.20
N SER B 27 -2.53 14.41 0.38
CA SER B 27 -3.05 14.00 1.68
C SER B 27 -3.67 12.61 1.68
N ASN B 28 -4.21 12.14 0.56
CA ASN B 28 -4.74 10.78 0.53
C ASN B 28 -3.92 9.86 -0.39
N ILE B 29 -4.27 9.78 -1.67
CA ILE B 29 -3.59 8.86 -2.60
C ILE B 29 -2.06 9.07 -2.67
N GLY B 30 -1.62 10.32 -2.61
CA GLY B 30 -0.20 10.64 -2.65
C GLY B 30 0.62 9.90 -1.59
N ASP B 31 0.07 9.77 -0.38
CA ASP B 31 0.83 9.24 0.75
C ASP B 31 0.28 7.94 1.34
N CYS B 32 -0.93 7.56 0.99
CA CYS B 32 -1.58 6.43 1.64
C CYS B 32 -1.95 5.33 0.65
N SER B 33 -2.10 4.11 1.18
CA SER B 33 -2.46 2.93 0.39
C SER B 33 -3.87 3.00 -0.17
N VAL B 34 -3.99 2.78 -1.47
CA VAL B 34 -5.27 2.66 -2.14
C VAL B 34 -5.75 1.21 -2.23
N SER B 35 -7.02 1.00 -1.91
CA SER B 35 -7.64 -0.29 -2.19
C SER B 35 -8.89 -0.10 -3.07
N TRP B 36 -9.24 -1.15 -3.82
CA TRP B 36 -10.29 -1.10 -4.82
C TRP B 36 -11.31 -2.19 -4.54
N TYR B 37 -12.59 -1.86 -4.73
CA TYR B 37 -13.72 -2.72 -4.42
C TYR B 37 -14.64 -2.76 -5.63
N GLN B 38 -15.10 -3.97 -5.97
CA GLN B 38 -16.09 -4.19 -7.02
C GLN B 38 -17.46 -4.54 -6.39
N GLN B 39 -18.53 -3.92 -6.88
CA GLN B 39 -19.87 -4.23 -6.39
C GLN B 39 -20.83 -4.43 -7.55
N LEU B 40 -21.15 -5.69 -7.85
CA LEU B 40 -22.18 -6.04 -8.80
C LEU B 40 -23.52 -5.44 -8.37
N PRO B 41 -24.39 -5.12 -9.34
CA PRO B 41 -25.70 -4.53 -9.04
C PRO B 41 -26.48 -5.31 -7.99
N GLY B 42 -26.91 -4.64 -6.92
CA GLY B 42 -27.67 -5.28 -5.87
C GLY B 42 -26.83 -6.15 -4.93
N ALA B 43 -25.54 -6.33 -5.24
CA ALA B 43 -24.70 -7.23 -4.47
C ALA B 43 -23.83 -6.54 -3.44
N THR B 44 -22.96 -7.35 -2.84
CA THR B 44 -22.04 -6.93 -1.80
C THR B 44 -20.72 -6.49 -2.42
N PRO B 45 -20.08 -5.44 -1.85
CA PRO B 45 -18.74 -5.09 -2.33
C PRO B 45 -17.73 -6.22 -2.11
N ARG B 46 -16.69 -6.24 -2.94
CA ARG B 46 -15.67 -7.26 -2.91
C ARG B 46 -14.30 -6.64 -3.10
N LEU B 47 -13.33 -6.98 -2.26
CA LEU B 47 -11.98 -6.43 -2.40
C LEU B 47 -11.31 -6.96 -3.66
N LEU B 48 -10.74 -6.07 -4.47
CA LEU B 48 -9.96 -6.45 -5.66
C LEU B 48 -8.45 -6.20 -5.52
N ILE B 49 -8.08 -5.06 -4.95
CA ILE B 49 -6.69 -4.63 -4.90
C ILE B 49 -6.44 -3.94 -3.56
N TYR B 50 -5.33 -4.24 -2.88
CA TYR B 50 -4.96 -3.49 -1.68
C TYR B 50 -3.51 -3.05 -1.77
N GLN B 51 -3.15 -2.09 -0.91
CA GLN B 51 -1.84 -1.47 -0.91
C GLN B 51 -1.39 -1.14 -2.33
N ASN B 52 -2.31 -0.47 -3.02
CA ASN B 52 -2.11 0.07 -4.37
C ASN B 52 -2.10 -0.97 -5.49
N ASN B 53 -1.48 -2.12 -5.26
CA ASN B 53 -1.25 -3.03 -6.39
C ASN B 53 -1.21 -4.52 -6.05
N ASN B 54 -1.73 -4.90 -4.89
CA ASN B 54 -1.78 -6.32 -4.53
C ASN B 54 -3.17 -6.92 -4.74
N ARG B 55 -3.19 -8.13 -5.26
CA ARG B 55 -4.41 -8.91 -5.43
C ARG B 55 -4.53 -9.95 -4.34
N PRO B 56 -5.67 -9.98 -3.65
CA PRO B 56 -5.99 -11.13 -2.80
C PRO B 56 -6.16 -12.38 -3.66
N SER B 57 -6.04 -13.56 -3.04
CA SER B 57 -6.26 -14.83 -3.75
C SER B 57 -7.70 -14.98 -4.16
N GLY B 58 -7.93 -15.59 -5.33
CA GLY B 58 -9.28 -15.77 -5.81
C GLY B 58 -9.79 -14.59 -6.61
N VAL B 59 -9.00 -13.52 -6.67
CA VAL B 59 -9.30 -12.40 -7.57
C VAL B 59 -8.50 -12.58 -8.86
N SER B 60 -9.22 -12.56 -9.99
CA SER B 60 -8.63 -12.76 -11.33
C SER B 60 -7.43 -11.87 -11.61
N ASP B 61 -6.46 -12.39 -12.35
CA ASP B 61 -5.31 -11.57 -12.74
C ASP B 61 -5.65 -10.60 -13.88
N ARG B 62 -6.91 -10.57 -14.30
CA ARG B 62 -7.41 -9.54 -15.22
C ARG B 62 -7.50 -8.19 -14.53
N PHE B 63 -7.57 -8.19 -13.19
CA PHE B 63 -7.62 -6.94 -12.43
C PHE B 63 -6.21 -6.54 -11.99
N SER B 64 -5.85 -5.28 -12.16
CA SER B 64 -4.57 -4.81 -11.63
C SER B 64 -4.67 -3.35 -11.18
N GLY B 65 -3.79 -2.96 -10.28
CA GLY B 65 -3.86 -1.63 -9.73
C GLY B 65 -2.50 -0.99 -9.77
N SER B 66 -2.51 0.33 -9.91
CA SER B 66 -1.28 1.11 -9.84
C SER B 66 -1.60 2.51 -9.32
N LYS B 67 -0.56 3.28 -9.09
CA LYS B 67 -0.68 4.57 -8.46
C LYS B 67 0.52 5.41 -8.88
N SER B 68 0.25 6.63 -9.30
CA SER B 68 1.29 7.54 -9.75
C SER B 68 0.95 8.95 -9.32
N GLY B 69 1.82 9.56 -8.53
CA GLY B 69 1.55 10.89 -7.99
C GLY B 69 0.32 10.81 -7.12
N THR B 70 -0.68 11.64 -7.42
CA THR B 70 -1.87 11.73 -6.61
C THR B 70 -3.09 11.03 -7.21
N SER B 71 -2.88 10.22 -8.24
CA SER B 71 -3.96 9.43 -8.82
C SER B 71 -3.70 7.93 -8.75
N ALA B 72 -4.76 7.13 -8.73
CA ALA B 72 -4.62 5.69 -8.81
C ALA B 72 -5.55 5.11 -9.86
N SER B 73 -5.19 3.95 -10.37
CA SER B 73 -5.90 3.34 -11.47
C SER B 73 -6.14 1.86 -11.25
N LEU B 74 -7.36 1.44 -11.53
CA LEU B 74 -7.68 0.03 -11.64
C LEU B 74 -7.76 -0.33 -13.11
N ALA B 75 -7.05 -1.38 -13.52
CA ALA B 75 -7.16 -1.80 -14.89
C ALA B 75 -7.82 -3.18 -14.99
N ILE B 76 -8.62 -3.36 -16.03
CA ILE B 76 -9.37 -4.59 -16.24
C ILE B 76 -9.13 -5.05 -17.68
N THR B 77 -8.48 -6.20 -17.85
CA THR B 77 -8.23 -6.72 -19.20
C THR B 77 -9.29 -7.77 -19.55
N GLY B 78 -9.37 -8.15 -20.83
CA GLY B 78 -10.37 -9.10 -21.30
C GLY B 78 -11.77 -8.87 -20.77
N LEU B 79 -12.24 -7.62 -20.82
CA LEU B 79 -13.53 -7.24 -20.24
C LEU B 79 -14.65 -8.25 -20.53
N GLN B 80 -15.35 -8.67 -19.49
CA GLN B 80 -16.47 -9.61 -19.63
C GLN B 80 -17.75 -8.96 -19.10
N THR B 81 -18.91 -9.43 -19.58
CA THR B 81 -20.21 -8.85 -19.19
C THR B 81 -20.41 -8.89 -17.67
N GLU B 82 -19.81 -9.87 -17.01
CA GLU B 82 -19.99 -10.03 -15.57
C GLU B 82 -19.13 -9.01 -14.81
N ASP B 83 -18.37 -8.18 -15.54
CA ASP B 83 -17.61 -7.10 -14.90
C ASP B 83 -18.45 -5.83 -14.75
N GLU B 84 -19.68 -5.87 -15.25
CA GLU B 84 -20.58 -4.73 -15.09
C GLU B 84 -20.88 -4.52 -13.63
N ALA B 85 -20.32 -3.45 -13.09
CA ALA B 85 -20.38 -3.22 -11.66
C ALA B 85 -20.03 -1.78 -11.31
N ASP B 86 -20.13 -1.47 -10.03
CA ASP B 86 -19.70 -0.18 -9.53
C ASP B 86 -18.36 -0.41 -8.82
N TYR B 87 -17.36 0.35 -9.21
CA TYR B 87 -16.01 0.16 -8.71
C TYR B 87 -15.63 1.34 -7.85
N PHE B 88 -15.15 1.06 -6.64
CA PHE B 88 -14.80 2.11 -5.68
C PHE B 88 -13.35 2.08 -5.26
N CYS B 89 -12.71 3.23 -5.16
CA CYS B 89 -11.40 3.31 -4.52
C CYS B 89 -11.56 3.77 -3.07
N LEU B 90 -10.59 3.42 -2.24
CA LEU B 90 -10.60 3.79 -0.82
C LEU B 90 -9.19 4.20 -0.43
N SER B 91 -9.09 5.27 0.36
CA SER B 91 -7.80 5.70 0.87
C SER B 91 -7.98 6.48 2.16
N TYR B 92 -7.06 6.28 3.09
CA TYR B 92 -7.04 7.14 4.27
C TYR B 92 -6.66 8.54 3.81
N ASP B 93 -7.01 9.54 4.61
CA ASP B 93 -6.75 10.93 4.29
C ASP B 93 -6.30 11.61 5.58
N THR B 94 -5.03 11.99 5.62
CA THR B 94 -4.42 12.49 6.85
C THR B 94 -4.82 13.93 7.20
N SER B 95 -5.36 14.67 6.23
CA SER B 95 -5.90 15.99 6.49
C SER B 95 -7.31 15.86 7.06
N PHE B 96 -8.07 14.96 6.46
CA PHE B 96 -9.42 14.63 6.90
C PHE B 96 -9.37 13.92 8.26
N SER B 97 -8.25 13.25 8.52
CA SER B 97 -8.12 12.29 9.61
C SER B 97 -9.22 11.22 9.53
N GLY B 98 -9.39 10.64 8.35
CA GLY B 98 -10.41 9.64 8.16
C GLY B 98 -10.31 8.96 6.80
N TRP B 99 -10.97 7.82 6.69
CA TRP B 99 -11.02 7.07 5.44
C TRP B 99 -12.04 7.69 4.50
N ARG B 100 -11.67 7.75 3.23
CA ARG B 100 -12.52 8.31 2.19
C ARG B 100 -12.70 7.30 1.08
N PHE B 101 -13.93 7.09 0.62
CA PHE B 101 -14.19 6.32 -0.61
C PHE B 101 -14.36 7.25 -1.79
N GLY B 102 -13.92 6.83 -2.97
CA GLY B 102 -14.35 7.48 -4.19
C GLY B 102 -15.86 7.38 -4.38
N GLY B 103 -16.40 8.21 -5.27
CA GLY B 103 -17.83 8.21 -5.54
C GLY B 103 -18.36 6.99 -6.27
N GLY B 104 -17.45 6.19 -6.82
CA GLY B 104 -17.82 4.99 -7.56
C GLY B 104 -17.90 5.24 -9.06
N THR B 105 -17.37 4.31 -9.84
CA THR B 105 -17.49 4.36 -11.30
C THR B 105 -18.28 3.14 -11.74
N ARG B 106 -19.42 3.38 -12.38
CA ARG B 106 -20.21 2.29 -12.90
C ARG B 106 -19.73 1.92 -14.28
N LEU B 107 -19.28 0.68 -14.40
CA LEU B 107 -18.72 0.17 -15.64
C LEU B 107 -19.80 -0.53 -16.44
N THR B 108 -19.99 -0.08 -17.68
CA THR B 108 -20.94 -0.68 -18.61
C THR B 108 -20.21 -1.47 -19.68
N VAL B 109 -20.64 -2.70 -19.94
CA VAL B 109 -20.06 -3.51 -20.99
C VAL B 109 -20.93 -3.40 -22.24
N LEU B 110 -20.39 -2.76 -23.26
CA LEU B 110 -21.14 -2.44 -24.47
C LEU B 110 -21.56 -3.69 -25.23
N GLY B 111 -22.73 -3.64 -25.86
CA GLY B 111 -23.25 -4.75 -26.63
C GLY B 111 -24.64 -4.47 -27.17
N GLN B 112 -25.63 -4.48 -26.28
CA GLN B 112 -27.00 -4.17 -26.65
C GLN B 112 -27.12 -2.81 -27.34
N PRO B 113 -27.87 -2.74 -28.45
CA PRO B 113 -28.00 -1.47 -29.16
C PRO B 113 -28.83 -0.46 -28.37
N LYS B 114 -28.73 0.81 -28.73
CA LYS B 114 -29.49 1.87 -28.09
C LYS B 114 -30.99 1.59 -28.23
N ALA B 115 -31.74 1.93 -27.20
CA ALA B 115 -33.19 1.73 -27.17
C ALA B 115 -33.87 2.89 -26.44
N SER B 116 -34.78 3.57 -27.13
CA SER B 116 -35.45 4.73 -26.57
C SER B 116 -36.64 4.32 -25.73
N PRO B 117 -37.01 5.17 -24.76
CA PRO B 117 -38.03 4.72 -23.80
C PRO B 117 -39.46 4.74 -24.29
N THR B 118 -40.24 3.78 -23.78
CA THR B 118 -41.70 3.84 -23.86
C THR B 118 -42.18 4.67 -22.68
N VAL B 119 -43.06 5.62 -22.95
CA VAL B 119 -43.55 6.51 -21.91
C VAL B 119 -45.07 6.45 -21.79
N THR B 120 -45.53 6.14 -20.57
CA THR B 120 -46.95 6.07 -20.28
C THR B 120 -47.29 7.08 -19.19
N LEU B 121 -48.22 7.98 -19.46
CA LEU B 121 -48.63 9.00 -18.48
C LEU B 121 -50.11 8.86 -18.11
N PHE B 122 -50.38 8.70 -16.82
CA PHE B 122 -51.76 8.59 -16.35
C PHE B 122 -52.17 9.87 -15.62
N PRO B 123 -53.43 10.32 -15.83
CA PRO B 123 -53.99 11.40 -15.01
C PRO B 123 -54.43 10.88 -13.65
N PRO B 124 -54.72 11.78 -12.70
CA PRO B 124 -55.34 11.39 -11.42
C PRO B 124 -56.61 10.60 -11.67
N SER B 125 -56.95 9.64 -10.82
CA SER B 125 -58.24 8.98 -10.96
C SER B 125 -59.31 9.84 -10.34
N SER B 126 -60.58 9.64 -10.73
CA SER B 126 -61.72 10.27 -10.06
C SER B 126 -61.73 10.00 -8.56
N GLU B 127 -61.41 8.76 -8.21
CA GLU B 127 -61.44 8.34 -6.81
C GLU B 127 -60.47 9.15 -5.95
N GLU B 128 -59.25 9.30 -6.41
CA GLU B 128 -58.25 10.11 -5.70
C GLU B 128 -58.64 11.58 -5.64
N LEU B 129 -59.17 12.12 -6.72
CA LEU B 129 -59.56 13.53 -6.76
C LEU B 129 -60.60 13.83 -5.68
N GLN B 130 -61.40 12.84 -5.34
CA GLN B 130 -62.43 13.02 -4.31
C GLN B 130 -61.80 13.11 -2.92
N ALA B 131 -60.54 12.69 -2.80
CA ALA B 131 -59.81 12.86 -1.55
C ALA B 131 -58.99 14.15 -1.57
N ASN B 132 -59.29 15.02 -2.54
CA ASN B 132 -58.63 16.31 -2.73
C ASN B 132 -57.17 16.15 -3.13
N LYS B 133 -56.83 15.00 -3.71
CA LYS B 133 -55.46 14.69 -4.13
C LYS B 133 -55.43 14.33 -5.61
N ALA B 134 -54.23 14.42 -6.20
CA ALA B 134 -54.07 14.17 -7.61
C ALA B 134 -52.66 13.81 -7.93
N THR B 135 -52.43 12.54 -8.21
CA THR B 135 -51.09 12.07 -8.57
C THR B 135 -51.04 11.73 -10.04
N LEU B 136 -50.13 12.39 -10.75
CA LEU B 136 -49.88 12.05 -12.14
C LEU B 136 -48.75 11.03 -12.16
N VAL B 137 -48.94 9.97 -12.93
CA VAL B 137 -48.01 8.85 -12.93
C VAL B 137 -47.35 8.67 -14.30
N CYS B 138 -46.04 8.87 -14.37
CA CYS B 138 -45.33 8.73 -15.63
C CYS B 138 -44.44 7.49 -15.57
N LEU B 139 -44.78 6.46 -16.34
CA LEU B 139 -44.01 5.22 -16.32
C LEU B 139 -43.14 5.07 -17.55
N ILE B 140 -41.88 4.72 -17.30
CA ILE B 140 -40.88 4.75 -18.35
C ILE B 140 -40.20 3.39 -18.45
N SER B 141 -40.23 2.80 -19.63
CA SER B 141 -39.74 1.45 -19.76
C SER B 141 -39.02 1.19 -21.07
N ASP B 142 -38.32 0.05 -21.12
CA ASP B 142 -37.67 -0.46 -22.31
C ASP B 142 -36.56 0.44 -22.87
N PHE B 143 -35.87 1.18 -22.01
CA PHE B 143 -34.78 2.00 -22.55
C PHE B 143 -33.42 1.39 -22.23
N TYR B 144 -32.47 1.65 -23.11
CA TYR B 144 -31.07 1.25 -22.93
C TYR B 144 -30.15 2.23 -23.65
N PRO B 145 -29.06 2.65 -23.00
CA PRO B 145 -28.64 2.38 -21.62
C PRO B 145 -29.61 2.93 -20.58
N GLY B 146 -29.36 2.62 -19.32
CA GLY B 146 -30.31 2.93 -18.27
C GLY B 146 -30.22 4.29 -17.62
N VAL B 147 -30.00 5.34 -18.39
CA VAL B 147 -30.04 6.67 -17.81
C VAL B 147 -31.04 7.57 -18.55
N VAL B 148 -32.01 8.09 -17.80
CA VAL B 148 -32.96 9.06 -18.34
C VAL B 148 -33.05 10.31 -17.47
N LYS B 149 -33.49 11.42 -18.07
CA LYS B 149 -33.88 12.62 -17.34
C LYS B 149 -35.36 12.89 -17.57
N VAL B 150 -36.08 13.21 -16.50
CA VAL B 150 -37.51 13.47 -16.58
C VAL B 150 -37.84 14.92 -16.23
N ALA B 151 -38.59 15.58 -17.09
CA ALA B 151 -39.07 16.93 -16.81
C ALA B 151 -40.58 17.00 -16.93
N TRP B 152 -41.22 17.71 -16.03
CA TRP B 152 -42.66 17.90 -16.09
C TRP B 152 -43.01 19.31 -16.57
N LYS B 153 -44.10 19.40 -17.32
CA LYS B 153 -44.59 20.69 -17.78
C LYS B 153 -46.08 20.84 -17.43
N ALA B 154 -46.47 22.05 -17.06
CA ALA B 154 -47.87 22.37 -16.82
C ALA B 154 -48.24 23.50 -17.75
N ASP B 155 -49.27 23.28 -18.57
CA ASP B 155 -49.56 24.13 -19.71
C ASP B 155 -48.27 24.29 -20.51
N GLY B 156 -47.57 25.40 -20.34
CA GLY B 156 -46.32 25.59 -21.06
C GLY B 156 -45.08 25.45 -20.20
N SER B 157 -45.22 25.86 -18.94
CA SER B 157 -44.06 26.15 -18.09
C SER B 157 -43.51 24.91 -17.41
N ALA B 158 -42.33 25.06 -16.82
CA ALA B 158 -41.66 23.99 -16.11
C ALA B 158 -42.29 23.77 -14.74
N VAL B 159 -42.39 22.50 -14.33
CA VAL B 159 -42.90 22.12 -13.02
C VAL B 159 -41.79 21.55 -12.16
N ASN B 160 -41.49 22.22 -11.05
CA ASN B 160 -40.44 21.74 -10.16
C ASN B 160 -41.03 21.09 -8.91
N ALA B 161 -41.97 21.79 -8.29
CA ALA B 161 -42.59 21.33 -7.05
C ALA B 161 -43.39 20.04 -7.23
N GLY B 162 -43.19 19.10 -6.31
CA GLY B 162 -44.00 17.89 -6.26
C GLY B 162 -43.58 16.72 -7.13
N VAL B 163 -42.38 16.76 -7.68
CA VAL B 163 -41.86 15.69 -8.54
C VAL B 163 -40.98 14.73 -7.75
N GLU B 164 -41.16 13.43 -7.97
CA GLU B 164 -40.30 12.40 -7.37
C GLU B 164 -40.02 11.29 -8.39
N THR B 165 -38.75 11.00 -8.67
CA THR B 165 -38.43 10.03 -9.72
C THR B 165 -37.53 8.89 -9.21
N THR B 166 -37.84 7.66 -9.61
CA THR B 166 -37.07 6.51 -9.14
C THR B 166 -35.77 6.42 -9.93
N THR B 167 -34.81 5.70 -9.39
CA THR B 167 -33.61 5.32 -10.13
C THR B 167 -34.00 4.23 -11.11
N PRO B 168 -33.38 4.24 -12.30
CA PRO B 168 -33.66 3.17 -13.29
C PRO B 168 -33.35 1.75 -12.79
N SER B 169 -34.21 0.79 -13.12
CA SER B 169 -34.01 -0.61 -12.71
C SER B 169 -34.07 -1.55 -13.91
N LYS B 170 -33.46 -2.73 -13.78
CA LYS B 170 -33.41 -3.73 -14.84
C LYS B 170 -34.68 -4.56 -15.00
N GLN B 171 -35.17 -4.64 -16.23
CA GLN B 171 -36.31 -5.51 -16.56
C GLN B 171 -35.83 -6.91 -16.93
N SER B 172 -36.79 -7.83 -17.04
CA SER B 172 -36.48 -9.20 -17.40
C SER B 172 -35.95 -9.29 -18.84
N ASN B 173 -36.20 -8.26 -19.64
CA ASN B 173 -35.74 -8.26 -21.03
C ASN B 173 -34.45 -7.47 -21.22
N ASN B 174 -33.72 -7.24 -20.13
CA ASN B 174 -32.40 -6.61 -20.14
C ASN B 174 -32.38 -5.14 -20.55
N LYS B 175 -33.55 -4.51 -20.59
CA LYS B 175 -33.64 -3.05 -20.72
C LYS B 175 -34.04 -2.47 -19.38
N TYR B 176 -34.13 -1.15 -19.29
CA TYR B 176 -34.42 -0.44 -18.05
C TYR B 176 -35.81 0.21 -17.89
N ALA B 177 -36.21 0.43 -16.63
CA ALA B 177 -37.49 1.07 -16.27
C ALA B 177 -37.30 2.12 -15.19
N ALA B 178 -38.16 3.13 -15.18
CA ALA B 178 -38.22 4.12 -14.11
C ALA B 178 -39.63 4.68 -13.98
N SER B 179 -39.91 5.30 -12.83
CA SER B 179 -41.19 5.96 -12.62
C SER B 179 -40.95 7.37 -12.16
N SER B 180 -41.87 8.26 -12.48
CA SER B 180 -41.88 9.61 -11.91
C SER B 180 -43.31 9.97 -11.53
N TYR B 181 -43.45 10.58 -10.36
CA TYR B 181 -44.75 10.95 -9.82
C TYR B 181 -44.82 12.46 -9.61
N LEU B 182 -45.86 13.11 -10.14
CA LEU B 182 -46.11 14.53 -9.82
C LEU B 182 -47.28 14.59 -8.84
N SER B 183 -47.00 14.99 -7.61
CA SER B 183 -48.02 14.99 -6.57
C SER B 183 -48.70 16.35 -6.39
N LEU B 184 -50.00 16.41 -6.68
CA LEU B 184 -50.75 17.64 -6.58
C LEU B 184 -52.00 17.51 -5.71
N THR B 185 -52.65 18.65 -5.46
CA THR B 185 -54.02 18.64 -4.96
C THR B 185 -54.96 18.67 -6.15
N SER B 186 -56.25 18.42 -5.91
CA SER B 186 -57.25 18.45 -6.96
C SER B 186 -57.33 19.85 -7.54
N ASP B 187 -57.27 20.86 -6.67
CA ASP B 187 -57.33 22.25 -7.10
C ASP B 187 -56.15 22.64 -8.00
N GLN B 188 -54.95 22.18 -7.64
CA GLN B 188 -53.78 22.38 -8.49
C GLN B 188 -54.02 21.77 -9.85
N TRP B 189 -54.41 20.50 -9.84
CA TRP B 189 -54.68 19.73 -11.05
C TRP B 189 -55.59 20.47 -12.02
N LYS B 190 -56.67 21.02 -11.46
CA LYS B 190 -57.70 21.67 -12.27
C LYS B 190 -57.38 23.12 -12.68
N SER B 191 -56.28 23.68 -12.20
CA SER B 191 -55.95 25.08 -12.51
C SER B 191 -55.16 25.19 -13.81
N HIS B 192 -54.66 24.06 -14.31
CA HIS B 192 -53.94 24.08 -15.58
C HIS B 192 -54.72 23.27 -16.62
N LYS B 193 -54.50 23.58 -17.89
CA LYS B 193 -55.28 22.92 -18.95
C LYS B 193 -54.52 21.73 -19.56
N SER B 194 -53.21 21.69 -19.35
CA SER B 194 -52.42 20.55 -19.78
C SER B 194 -51.28 20.28 -18.82
N TYR B 195 -50.87 19.02 -18.76
CA TYR B 195 -49.72 18.55 -17.99
C TYR B 195 -48.90 17.58 -18.84
N SER B 196 -47.59 17.73 -18.82
CA SER B 196 -46.73 16.88 -19.63
C SER B 196 -45.61 16.20 -18.87
N CYS B 197 -45.32 14.96 -19.23
CA CYS B 197 -44.13 14.28 -18.77
C CYS B 197 -43.17 14.12 -19.95
N GLN B 198 -41.97 14.66 -19.82
CA GLN B 198 -40.98 14.65 -20.89
C GLN B 198 -39.75 13.85 -20.48
N VAL B 199 -39.45 12.80 -21.24
CA VAL B 199 -38.33 11.92 -20.95
C VAL B 199 -37.20 12.08 -21.98
N THR B 200 -36.00 12.35 -21.48
CA THR B 200 -34.85 12.55 -22.34
C THR B 200 -33.88 11.38 -22.24
N HIS B 201 -33.55 10.80 -23.39
CA HIS B 201 -32.68 9.64 -23.43
C HIS B 201 -31.71 9.72 -24.61
N GLU B 202 -30.42 9.88 -24.28
CA GLU B 202 -29.37 10.07 -25.28
C GLU B 202 -29.66 11.24 -26.21
N GLY B 203 -29.88 12.42 -25.63
CA GLY B 203 -30.11 13.63 -26.40
C GLY B 203 -31.35 13.57 -27.27
N SER B 204 -32.28 12.69 -26.88
CA SER B 204 -33.54 12.56 -27.60
C SER B 204 -34.69 12.62 -26.61
N THR B 205 -35.80 13.24 -27.00
CA THR B 205 -36.91 13.47 -26.07
C THR B 205 -38.21 12.78 -26.48
N VAL B 206 -38.82 12.09 -25.53
CA VAL B 206 -40.15 11.51 -25.69
C VAL B 206 -41.06 12.13 -24.64
N GLU B 207 -42.23 12.63 -25.04
CA GLU B 207 -43.14 13.22 -24.06
C GLU B 207 -44.60 12.79 -24.22
N LYS B 208 -45.33 12.84 -23.12
CA LYS B 208 -46.75 12.53 -23.07
C LYS B 208 -47.50 13.68 -22.43
N THR B 209 -48.78 13.85 -22.77
CA THR B 209 -49.58 14.97 -22.29
C THR B 209 -50.95 14.49 -21.81
N VAL B 210 -51.40 14.98 -20.65
CA VAL B 210 -52.76 14.73 -20.16
C VAL B 210 -53.49 16.05 -19.86
N ALA B 211 -54.82 16.00 -19.80
CA ALA B 211 -55.60 17.19 -19.54
C ALA B 211 -56.77 16.92 -18.59
N PRO B 212 -56.99 17.81 -17.62
CA PRO B 212 -58.12 17.69 -16.69
C PRO B 212 -59.48 17.63 -17.41
N ALA B 213 -59.57 18.30 -18.56
CA ALA B 213 -60.71 18.13 -19.45
C ALA B 213 -60.51 16.88 -20.32
N GLU B 214 -60.81 15.73 -19.73
CA GLU B 214 -60.70 14.41 -20.34
C GLU B 214 -61.14 14.33 -21.80
N CYS B 215 -62.34 14.80 -22.09
CA CYS B 215 -62.90 14.70 -23.43
C CYS B 215 -63.11 16.08 -24.05
N GLN C 1 11.66 -15.23 12.44
CA GLN C 1 12.63 -14.28 11.91
C GLN C 1 13.73 -15.00 11.10
N VAL C 2 14.17 -14.36 10.03
CA VAL C 2 14.98 -14.98 8.99
C VAL C 2 16.47 -14.65 9.15
N THR C 3 17.32 -15.67 8.99
CA THR C 3 18.77 -15.45 8.97
C THR C 3 19.39 -16.20 7.81
N LEU C 4 20.40 -15.58 7.20
CA LEU C 4 21.18 -16.27 6.18
C LEU C 4 22.63 -16.10 6.53
N LYS C 5 23.41 -17.13 6.23
CA LYS C 5 24.84 -17.10 6.52
C LYS C 5 25.59 -17.65 5.31
N GLU C 6 26.68 -16.97 4.93
CA GLU C 6 27.49 -17.44 3.82
C GLU C 6 28.72 -18.23 4.25
N PHE C 7 29.01 -19.30 3.52
CA PHE C 7 30.25 -20.05 3.72
C PHE C 7 31.03 -20.00 2.42
N GLY C 8 32.36 -20.02 2.51
CA GLY C 8 33.16 -19.97 1.31
C GLY C 8 34.50 -19.36 1.58
N PRO C 9 35.41 -19.42 0.59
CA PRO C 9 36.78 -18.96 0.76
C PRO C 9 36.91 -17.43 0.75
N ALA C 10 37.74 -16.86 1.64
CA ALA C 10 37.95 -15.41 1.63
C ALA C 10 38.94 -15.02 0.55
N LEU C 11 39.61 -16.04 0.00
CA LEU C 11 40.70 -15.87 -0.94
C LEU C 11 40.62 -16.96 -2.02
N VAL C 12 40.71 -16.56 -3.29
CA VAL C 12 40.68 -17.49 -4.42
C VAL C 12 41.79 -17.13 -5.41
N LYS C 13 42.56 -18.12 -5.84
CA LYS C 13 43.63 -17.83 -6.79
C LYS C 13 43.04 -17.69 -8.20
N PRO C 14 43.65 -16.84 -9.04
CA PRO C 14 43.16 -16.63 -10.42
C PRO C 14 42.97 -17.92 -11.22
N THR C 15 41.98 -17.93 -12.11
CA THR C 15 41.53 -19.07 -12.94
C THR C 15 40.85 -20.19 -12.15
N GLN C 16 40.85 -20.09 -10.83
CA GLN C 16 40.19 -21.09 -10.00
C GLN C 16 38.72 -20.71 -9.80
N PRO C 17 37.87 -21.71 -9.56
CA PRO C 17 36.45 -21.44 -9.38
C PRO C 17 36.15 -20.93 -7.98
N LEU C 18 35.16 -20.05 -7.85
CA LEU C 18 34.63 -19.63 -6.57
C LEU C 18 33.39 -20.46 -6.26
N THR C 19 33.29 -20.97 -5.05
CA THR C 19 32.07 -21.68 -4.65
C THR C 19 31.57 -21.13 -3.32
N LEU C 20 30.36 -20.58 -3.32
CA LEU C 20 29.77 -20.02 -2.11
C LEU C 20 28.55 -20.83 -1.70
N THR C 21 28.35 -20.97 -0.39
CA THR C 21 27.22 -21.72 0.13
C THR C 21 26.40 -20.84 1.05
N CYS C 22 25.11 -20.72 0.75
CA CYS C 22 24.18 -19.97 1.58
C CYS C 22 23.40 -20.93 2.46
N SER C 23 23.47 -20.71 3.77
CA SER C 23 22.76 -21.52 4.73
C SER C 23 21.74 -20.60 5.41
N PHE C 24 20.50 -21.03 5.53
CA PHE C 24 19.48 -20.10 6.02
C PHE C 24 18.53 -20.77 7.01
N SER C 25 17.91 -19.94 7.84
CA SER C 25 16.98 -20.38 8.85
C SER C 25 15.76 -19.46 8.79
N GLY C 26 14.61 -19.94 9.28
CA GLY C 26 13.45 -19.07 9.42
C GLY C 26 12.52 -18.99 8.23
N PHE C 27 12.89 -19.63 7.12
CA PHE C 27 11.99 -19.81 6.00
C PHE C 27 12.36 -21.08 5.27
N SER C 28 11.44 -21.52 4.42
CA SER C 28 11.68 -22.72 3.64
C SER C 28 11.77 -22.37 2.16
N LEU C 29 12.77 -22.92 1.49
CA LEU C 29 12.89 -22.72 0.05
C LEU C 29 11.87 -23.60 -0.68
N ARG C 30 11.08 -24.34 0.08
CA ARG C 30 9.95 -25.06 -0.46
C ARG C 30 8.75 -24.14 -0.75
N SER C 31 8.67 -23.00 -0.07
CA SER C 31 7.52 -22.10 -0.23
C SER C 31 7.42 -21.43 -1.62
N SER C 32 6.22 -21.43 -2.19
CA SER C 32 6.00 -21.04 -3.59
C SER C 32 6.12 -19.55 -3.93
N ASP C 33 6.46 -18.71 -2.96
CA ASP C 33 6.64 -17.31 -3.24
C ASP C 33 8.08 -16.93 -3.03
N THR C 34 8.98 -17.91 -3.02
CA THR C 34 10.36 -17.63 -2.59
C THR C 34 11.47 -18.07 -3.53
N ALA C 35 12.59 -17.36 -3.43
CA ALA C 35 13.84 -17.72 -4.06
C ALA C 35 14.97 -17.32 -3.13
N VAL C 36 16.17 -17.81 -3.45
CA VAL C 36 17.39 -17.30 -2.86
C VAL C 36 18.23 -16.66 -3.95
N VAL C 37 18.70 -15.45 -3.66
CA VAL C 37 19.45 -14.64 -4.60
C VAL C 37 20.90 -14.47 -4.16
N TRP C 38 21.80 -14.26 -5.13
CA TRP C 38 23.17 -13.85 -4.90
C TRP C 38 23.44 -12.47 -5.50
N ILE C 39 24.03 -11.61 -4.68
CA ILE C 39 24.39 -10.24 -5.05
C ILE C 39 25.89 -10.07 -4.80
N ARG C 40 26.56 -9.27 -5.62
CA ARG C 40 27.93 -8.90 -5.25
C ARG C 40 28.15 -7.38 -5.37
N GLN C 41 29.20 -6.94 -4.71
CA GLN C 41 29.52 -5.53 -4.65
C GLN C 41 31.01 -5.31 -4.60
N PRO C 42 31.61 -4.86 -5.72
CA PRO C 42 33.02 -4.48 -5.61
C PRO C 42 33.16 -3.32 -4.64
N PRO C 43 34.29 -3.23 -3.91
CA PRO C 43 34.55 -2.13 -2.98
C PRO C 43 34.30 -0.75 -3.57
N GLY C 44 33.47 0.05 -2.90
CA GLY C 44 33.15 1.39 -3.36
C GLY C 44 32.18 1.44 -4.52
N LYS C 45 31.79 0.29 -5.06
CA LYS C 45 30.93 0.29 -6.24
C LYS C 45 29.49 -0.12 -5.94
N ALA C 46 28.70 -0.29 -6.99
CA ALA C 46 27.28 -0.57 -6.81
C ALA C 46 26.98 -2.04 -6.69
N LEU C 47 25.79 -2.32 -6.18
CA LEU C 47 25.30 -3.68 -6.08
C LEU C 47 25.14 -4.27 -7.46
N GLU C 48 25.29 -5.58 -7.57
CA GLU C 48 25.16 -6.25 -8.85
C GLU C 48 24.37 -7.54 -8.66
N TRP C 49 23.27 -7.69 -9.40
CA TRP C 49 22.47 -8.91 -9.31
C TRP C 49 23.17 -10.04 -10.06
N LEU C 50 23.42 -11.15 -9.38
CA LEU C 50 24.17 -12.24 -10.00
C LEU C 50 23.22 -13.33 -10.51
N ALA C 51 22.46 -13.93 -9.59
CA ALA C 51 21.61 -15.07 -9.90
C ALA C 51 20.57 -15.34 -8.82
N ALA C 52 19.52 -16.07 -9.20
CA ALA C 52 18.50 -16.48 -8.24
C ALA C 52 18.02 -17.92 -8.53
N ILE C 53 17.71 -18.65 -7.48
CA ILE C 53 17.12 -19.97 -7.64
C ILE C 53 15.79 -20.04 -6.90
N TYR C 54 14.74 -20.44 -7.60
CA TYR C 54 13.40 -20.40 -7.05
C TYR C 54 12.97 -21.74 -6.42
N TRP C 55 11.91 -21.67 -5.63
CA TRP C 55 11.34 -22.82 -4.92
C TRP C 55 11.12 -24.06 -5.79
N ASP C 56 10.81 -23.83 -7.06
CA ASP C 56 10.49 -24.90 -8.00
C ASP C 56 11.71 -25.26 -8.83
N ASP C 57 12.88 -24.90 -8.33
CA ASP C 57 14.19 -25.21 -8.91
C ASP C 57 14.47 -24.53 -10.25
N VAL C 58 13.58 -23.63 -10.67
CA VAL C 58 13.89 -22.78 -11.80
C VAL C 58 14.99 -21.78 -11.40
N GLU C 59 15.97 -21.57 -12.27
CA GLU C 59 17.05 -20.63 -11.99
C GLU C 59 17.07 -19.48 -13.01
N HIS C 60 17.48 -18.29 -12.58
CA HIS C 60 17.73 -17.20 -13.52
C HIS C 60 19.08 -16.55 -13.20
N ILE C 61 19.90 -16.44 -14.23
CA ILE C 61 21.25 -15.88 -14.11
C ILE C 61 21.32 -14.62 -14.96
N ASN C 62 21.99 -13.59 -14.45
CA ASN C 62 22.11 -12.37 -15.26
C ASN C 62 22.98 -12.65 -16.49
N PRO C 63 22.58 -12.11 -17.65
CA PRO C 63 23.13 -12.41 -18.96
C PRO C 63 24.63 -12.18 -19.14
N SER C 64 25.21 -11.24 -18.40
CA SER C 64 26.64 -10.98 -18.50
C SER C 64 27.46 -12.12 -17.87
N LEU C 65 26.77 -13.03 -17.17
CA LEU C 65 27.44 -14.07 -16.39
C LEU C 65 26.84 -15.46 -16.63
N LYS C 66 26.02 -15.62 -17.66
CA LYS C 66 25.43 -16.93 -17.96
C LYS C 66 26.48 -18.02 -18.18
N SER C 67 27.63 -17.63 -18.72
CA SER C 67 28.64 -18.61 -19.11
C SER C 67 29.56 -19.00 -17.95
N ARG C 68 29.49 -18.27 -16.84
CA ARG C 68 30.42 -18.50 -15.72
C ARG C 68 29.74 -19.11 -14.51
N LEU C 69 28.46 -18.78 -14.35
CA LEU C 69 27.73 -19.06 -13.11
C LEU C 69 26.91 -20.33 -13.13
N SER C 70 26.75 -20.96 -11.98
CA SER C 70 25.74 -21.99 -11.82
C SER C 70 25.26 -21.94 -10.39
N ILE C 71 24.02 -22.34 -10.18
CA ILE C 71 23.46 -22.28 -8.85
C ILE C 71 22.61 -23.52 -8.62
N SER C 72 22.65 -24.06 -7.42
CA SER C 72 21.79 -25.20 -7.09
C SER C 72 21.30 -25.11 -5.65
N LYS C 73 20.33 -25.95 -5.33
CA LYS C 73 19.78 -25.94 -3.99
C LYS C 73 19.66 -27.33 -3.40
N ASP C 74 19.68 -27.36 -2.08
CA ASP C 74 19.31 -28.52 -1.32
C ASP C 74 18.27 -28.04 -0.31
N SER C 75 17.01 -28.00 -0.71
CA SER C 75 15.96 -27.43 0.16
C SER C 75 15.78 -28.11 1.52
N PRO C 76 15.84 -29.46 1.58
CA PRO C 76 15.69 -30.06 2.91
C PRO C 76 16.76 -29.64 3.93
N ASN C 77 17.98 -29.31 3.50
CA ASN C 77 19.01 -28.87 4.45
C ASN C 77 19.21 -27.36 4.42
N SER C 78 18.30 -26.66 3.72
CA SER C 78 18.36 -25.20 3.62
C SER C 78 19.74 -24.68 3.21
N LEU C 79 20.24 -25.20 2.10
CA LEU C 79 21.49 -24.75 1.53
C LEU C 79 21.30 -24.38 0.08
N VAL C 80 21.94 -23.30 -0.35
CA VAL C 80 22.03 -22.95 -1.75
C VAL C 80 23.49 -22.73 -2.11
N VAL C 81 23.92 -23.24 -3.25
CA VAL C 81 25.33 -23.12 -3.65
C VAL C 81 25.52 -22.35 -4.96
N LEU C 82 26.42 -21.37 -4.93
CA LEU C 82 26.79 -20.61 -6.13
C LEU C 82 28.21 -20.98 -6.56
N THR C 83 28.41 -21.22 -7.84
CA THR C 83 29.77 -21.33 -8.37
C THR C 83 30.01 -20.32 -9.47
N MET C 84 31.22 -19.78 -9.48
CA MET C 84 31.63 -18.84 -10.50
C MET C 84 32.99 -19.29 -11.01
N ALA C 85 33.04 -19.70 -12.28
CA ALA C 85 34.26 -20.27 -12.87
C ALA C 85 35.26 -19.21 -13.21
N ASN C 86 36.54 -19.60 -13.23
CA ASN C 86 37.61 -18.77 -13.77
C ASN C 86 37.70 -17.38 -13.14
N MET C 87 37.92 -17.34 -11.82
CA MET C 87 37.92 -16.09 -11.08
C MET C 87 39.12 -15.21 -11.45
N ASP C 88 38.94 -13.89 -11.36
CA ASP C 88 39.96 -12.91 -11.74
C ASP C 88 39.92 -11.77 -10.73
N PRO C 89 41.04 -11.02 -10.57
CA PRO C 89 41.04 -9.86 -9.66
C PRO C 89 39.86 -8.90 -9.83
N VAL C 90 39.30 -8.85 -11.03
CA VAL C 90 38.13 -8.02 -11.29
C VAL C 90 36.91 -8.56 -10.52
N ASP C 91 36.96 -9.84 -10.13
CA ASP C 91 35.83 -10.44 -9.40
C ASP C 91 35.92 -10.29 -7.88
N THR C 92 36.99 -9.65 -7.40
CA THR C 92 37.10 -9.27 -6.00
C THR C 92 35.91 -8.40 -5.60
N ALA C 93 35.18 -8.82 -4.56
CA ALA C 93 33.91 -8.20 -4.21
C ALA C 93 33.33 -8.79 -2.93
N THR C 94 32.39 -8.08 -2.36
CA THR C 94 31.60 -8.63 -1.28
C THR C 94 30.43 -9.36 -1.91
N TYR C 95 30.35 -10.66 -1.62
CA TYR C 95 29.28 -11.49 -2.11
C TYR C 95 28.22 -11.69 -1.01
N TYR C 96 26.95 -11.47 -1.34
CA TYR C 96 25.83 -11.65 -0.42
C TYR C 96 24.86 -12.70 -0.94
N CYS C 97 24.21 -13.44 -0.05
CA CYS C 97 23.00 -14.15 -0.43
C CYS C 97 21.83 -13.57 0.36
N GLY C 98 20.63 -13.73 -0.20
CA GLY C 98 19.45 -13.17 0.42
C GLY C 98 18.20 -13.96 0.07
N ARG C 99 17.14 -13.73 0.84
CA ARG C 99 15.84 -14.26 0.48
C ARG C 99 15.14 -13.29 -0.45
N VAL C 100 14.61 -13.82 -1.54
CA VAL C 100 13.78 -13.07 -2.44
C VAL C 100 12.34 -13.55 -2.27
N ARG C 101 11.38 -12.63 -2.26
CA ARG C 101 10.00 -13.03 -2.31
C ARG C 101 9.27 -12.21 -3.35
N PHE C 102 8.11 -12.71 -3.75
CA PHE C 102 7.39 -12.11 -4.85
C PHE C 102 5.92 -12.53 -4.81
N VAL C 103 5.10 -11.84 -5.60
CA VAL C 103 3.74 -12.25 -5.87
C VAL C 103 3.73 -13.37 -6.90
N SER C 104 3.20 -14.53 -6.54
CA SER C 104 3.06 -15.63 -7.50
C SER C 104 2.06 -15.22 -8.59
N GLY C 105 2.46 -15.37 -9.85
CA GLY C 105 1.63 -14.94 -10.98
C GLY C 105 1.89 -13.49 -11.35
N GLY C 106 2.31 -12.71 -10.35
CA GLY C 106 2.78 -11.35 -10.57
C GLY C 106 3.98 -11.37 -11.48
N TYR C 107 4.32 -10.22 -12.05
CA TYR C 107 5.26 -10.18 -13.16
C TYR C 107 6.49 -9.34 -12.77
N TYR C 108 7.52 -10.04 -12.29
CA TYR C 108 8.80 -9.46 -11.88
C TYR C 108 8.73 -8.58 -10.64
N THR C 109 7.99 -9.03 -9.63
CA THR C 109 7.76 -8.25 -8.41
C THR C 109 8.78 -8.56 -7.30
N ASP C 110 9.80 -9.35 -7.61
CA ASP C 110 10.74 -9.83 -6.59
C ASP C 110 11.37 -8.71 -5.77
N ARG C 111 11.55 -8.95 -4.48
CA ARG C 111 12.23 -8.03 -3.60
C ARG C 111 13.19 -8.85 -2.74
N ILE C 112 14.34 -8.29 -2.42
CA ILE C 112 15.28 -9.00 -1.53
C ILE C 112 15.02 -8.53 -0.11
N ASP C 113 14.21 -9.27 0.65
CA ASP C 113 13.73 -8.74 1.92
C ASP C 113 14.56 -9.21 3.11
N SER C 114 15.46 -10.15 2.89
CA SER C 114 16.39 -10.56 3.95
C SER C 114 17.78 -10.77 3.38
N TRP C 115 18.79 -10.27 4.10
CA TRP C 115 20.17 -10.31 3.62
C TRP C 115 21.11 -11.02 4.61
N GLY C 116 21.99 -11.87 4.08
CA GLY C 116 23.07 -12.43 4.88
C GLY C 116 24.20 -11.41 5.01
N PRO C 117 25.05 -11.54 6.04
CA PRO C 117 26.10 -10.54 6.32
C PRO C 117 27.03 -10.24 5.14
N GLY C 118 27.30 -11.20 4.28
CA GLY C 118 28.17 -10.93 3.15
C GLY C 118 29.63 -11.31 3.37
N LEU C 119 30.28 -11.79 2.31
CA LEU C 119 31.65 -12.28 2.41
C LEU C 119 32.55 -11.56 1.41
N LEU C 120 33.63 -10.95 1.91
CA LEU C 120 34.60 -10.36 1.01
C LEU C 120 35.46 -11.49 0.41
N VAL C 121 35.35 -11.65 -0.90
CA VAL C 121 36.15 -12.62 -1.63
C VAL C 121 37.19 -11.89 -2.46
N THR C 122 38.46 -12.17 -2.18
CA THR C 122 39.59 -11.54 -2.86
C THR C 122 40.26 -12.53 -3.79
N VAL C 123 40.38 -12.16 -5.06
CA VAL C 123 41.08 -13.01 -6.03
C VAL C 123 42.54 -12.57 -6.11
N SER C 124 43.42 -13.39 -5.55
CA SER C 124 44.82 -12.99 -5.38
C SER C 124 45.72 -14.22 -5.37
N SER C 125 46.99 -14.02 -5.76
CA SER C 125 47.97 -15.09 -5.66
C SER C 125 48.61 -15.14 -4.27
N ALA C 126 48.35 -14.11 -3.48
CA ALA C 126 49.00 -13.99 -2.18
C ALA C 126 48.37 -14.95 -1.18
N SER C 127 49.11 -15.28 -0.13
CA SER C 127 48.66 -16.26 0.86
C SER C 127 47.92 -15.61 2.02
N THR C 128 47.07 -16.38 2.67
CA THR C 128 46.41 -15.93 3.90
C THR C 128 47.46 -15.70 4.97
N LYS C 129 47.30 -14.63 5.76
CA LYS C 129 48.11 -14.52 6.97
C LYS C 129 47.28 -14.01 8.14
N GLY C 130 47.42 -14.67 9.28
CA GLY C 130 46.74 -14.25 10.50
C GLY C 130 47.58 -13.19 11.21
N PRO C 131 46.92 -12.31 11.96
CA PRO C 131 47.60 -11.17 12.57
C PRO C 131 48.32 -11.50 13.87
N SER C 132 49.25 -10.63 14.26
CA SER C 132 49.76 -10.56 15.62
C SER C 132 48.97 -9.46 16.32
N VAL C 133 48.67 -9.64 17.61
CA VAL C 133 47.84 -8.69 18.35
C VAL C 133 48.64 -8.10 19.50
N PHE C 134 48.83 -6.78 19.48
CA PHE C 134 49.63 -6.09 20.48
C PHE C 134 48.79 -5.13 21.30
N PRO C 135 49.06 -5.03 22.60
CA PRO C 135 48.34 -4.10 23.45
C PRO C 135 48.70 -2.66 23.14
N LEU C 136 47.70 -1.79 23.14
CA LEU C 136 47.93 -0.37 23.07
C LEU C 136 47.59 0.25 24.41
N ALA C 137 48.59 0.68 25.16
CA ALA C 137 48.35 1.31 26.46
C ALA C 137 49.23 2.54 26.65
N PRO C 138 48.74 3.53 27.38
CA PRO C 138 49.53 4.71 27.76
C PRO C 138 50.65 4.37 28.74
N GLU C 145 43.16 14.86 33.32
CA GLU C 145 43.32 13.41 33.24
C GLU C 145 42.01 12.67 33.48
N SER C 146 40.92 13.18 32.90
CA SER C 146 39.59 12.64 33.15
C SER C 146 39.45 11.16 32.78
N THR C 147 39.72 10.84 31.52
CA THR C 147 39.63 9.46 31.05
C THR C 147 40.92 9.05 30.33
N ALA C 148 41.02 7.78 29.98
CA ALA C 148 42.18 7.29 29.23
C ALA C 148 41.75 6.32 28.14
N ALA C 149 42.57 6.22 27.09
CA ALA C 149 42.31 5.30 26.00
C ALA C 149 43.21 4.06 26.08
N LEU C 150 42.65 2.90 25.77
CA LEU C 150 43.42 1.67 25.65
C LEU C 150 42.98 0.99 24.37
N GLY C 151 43.81 0.08 23.86
CA GLY C 151 43.41 -0.61 22.66
C GLY C 151 44.22 -1.82 22.30
N CYS C 152 43.95 -2.31 21.10
CA CYS C 152 44.69 -3.43 20.56
C CYS C 152 45.10 -3.13 19.14
N LEU C 153 46.38 -3.32 18.85
CA LEU C 153 46.89 -3.21 17.50
C LEU C 153 46.80 -4.60 16.87
N VAL C 154 46.12 -4.69 15.73
CA VAL C 154 46.00 -5.95 15.01
C VAL C 154 46.85 -5.82 13.76
N LYS C 155 48.02 -6.45 13.80
CA LYS C 155 49.12 -6.10 12.89
C LYS C 155 49.33 -7.23 11.88
N ASP C 156 49.50 -6.84 10.62
CA ASP C 156 50.01 -7.71 9.57
C ASP C 156 49.10 -8.90 9.27
N TYR C 157 47.93 -8.63 8.70
CA TYR C 157 47.03 -9.71 8.29
C TYR C 157 46.58 -9.54 6.83
N PHE C 158 46.12 -10.63 6.22
CA PHE C 158 45.61 -10.61 4.85
C PHE C 158 44.81 -11.89 4.60
N PRO C 159 43.66 -11.79 3.91
CA PRO C 159 43.03 -10.57 3.45
C PRO C 159 42.16 -9.95 4.55
N GLU C 160 41.35 -8.96 4.19
CA GLU C 160 40.35 -8.43 5.10
C GLU C 160 39.18 -9.40 5.17
N PRO C 161 38.38 -9.36 6.26
CA PRO C 161 38.47 -8.40 7.36
C PRO C 161 38.90 -8.99 8.70
N VAL C 162 39.11 -8.08 9.65
CA VAL C 162 39.27 -8.40 11.06
C VAL C 162 38.11 -7.76 11.80
N THR C 163 37.55 -8.47 12.80
CA THR C 163 36.66 -7.80 13.75
C THR C 163 37.20 -7.89 15.17
N VAL C 164 36.80 -6.93 16.00
CA VAL C 164 37.28 -6.85 17.36
C VAL C 164 36.14 -6.51 18.32
N SER C 165 36.00 -7.34 19.35
CA SER C 165 35.08 -7.02 20.41
C SER C 165 35.87 -6.89 21.70
N TRP C 166 35.21 -6.46 22.77
CA TRP C 166 35.87 -6.28 24.06
C TRP C 166 35.12 -7.03 25.14
N ASN C 167 35.86 -7.79 25.94
CA ASN C 167 35.31 -8.60 27.02
C ASN C 167 34.14 -9.44 26.51
N SER C 168 34.39 -10.10 25.38
CA SER C 168 33.44 -11.01 24.75
C SER C 168 32.14 -10.32 24.36
N GLY C 169 32.22 -9.01 24.10
CA GLY C 169 31.08 -8.26 23.62
C GLY C 169 30.25 -7.59 24.70
N SER C 170 30.66 -7.78 25.96
CA SER C 170 29.95 -7.18 27.08
C SER C 170 30.32 -5.70 27.22
N LEU C 171 31.52 -5.36 26.80
CA LEU C 171 31.95 -3.96 26.79
C LEU C 171 31.75 -3.37 25.41
N THR C 172 30.73 -2.53 25.29
CA THR C 172 30.34 -1.96 24.02
C THR C 172 30.46 -0.45 24.00
N SER C 173 30.17 0.17 25.13
CA SER C 173 30.22 1.62 25.24
C SER C 173 31.63 2.15 25.03
N GLY C 174 31.77 3.10 24.11
CA GLY C 174 33.04 3.76 23.90
C GLY C 174 34.09 2.91 23.20
N VAL C 175 33.64 1.89 22.47
CA VAL C 175 34.54 1.12 21.62
C VAL C 175 34.62 1.74 20.23
N HIS C 176 35.83 1.91 19.72
CA HIS C 176 36.01 2.44 18.38
C HIS C 176 37.06 1.61 17.64
N THR C 177 36.62 0.78 16.69
CA THR C 177 37.55 0.07 15.84
C THR C 177 37.74 0.88 14.57
N PHE C 178 39.00 1.15 14.22
CA PHE C 178 39.31 2.03 13.10
C PHE C 178 39.48 1.21 11.82
N PRO C 179 39.19 1.83 10.66
CA PRO C 179 39.47 1.21 9.35
C PRO C 179 40.93 0.85 9.23
N ALA C 180 41.21 -0.27 8.59
CA ALA C 180 42.57 -0.76 8.49
C ALA C 180 43.42 0.10 7.57
N VAL C 181 44.72 0.05 7.77
CA VAL C 181 45.65 0.66 6.87
C VAL C 181 46.25 -0.49 6.08
N LEU C 182 46.68 -0.22 4.85
CA LEU C 182 47.39 -1.21 4.07
C LEU C 182 48.86 -0.81 4.02
N GLN C 183 49.70 -1.61 4.67
CA GLN C 183 51.12 -1.34 4.77
C GLN C 183 51.80 -1.64 3.43
N SER C 184 53.01 -1.10 3.22
CA SER C 184 53.75 -1.33 1.97
C SER C 184 53.89 -2.82 1.66
N SER C 185 54.09 -3.62 2.71
CA SER C 185 54.26 -5.08 2.59
C SER C 185 53.06 -5.80 1.96
N GLY C 186 51.95 -5.12 1.76
CA GLY C 186 50.75 -5.77 1.25
C GLY C 186 49.87 -6.35 2.35
N LEU C 187 50.33 -6.26 3.59
CA LEU C 187 49.53 -6.72 4.73
C LEU C 187 48.80 -5.55 5.39
N TYR C 188 47.65 -5.85 6.00
CA TYR C 188 46.81 -4.88 6.68
C TYR C 188 47.11 -4.81 8.17
N SER C 189 46.78 -3.69 8.77
CA SER C 189 46.87 -3.49 10.18
C SER C 189 45.72 -2.59 10.57
N LEU C 190 45.15 -2.80 11.75
CA LEU C 190 44.09 -1.96 12.24
C LEU C 190 44.20 -1.87 13.73
N SER C 191 43.50 -0.94 14.34
CA SER C 191 43.50 -0.76 15.75
C SER C 191 42.10 -0.57 16.28
N SER C 192 41.81 -1.12 17.44
CA SER C 192 40.55 -0.91 18.12
C SER C 192 40.88 -0.25 19.44
N VAL C 193 40.09 0.77 19.82
CA VAL C 193 40.33 1.52 21.05
C VAL C 193 39.07 1.57 21.90
N VAL C 194 39.21 1.32 23.19
CA VAL C 194 38.10 1.59 24.09
C VAL C 194 38.54 2.71 25.04
N THR C 195 37.66 3.67 25.25
CA THR C 195 37.92 4.80 26.14
C THR C 195 37.20 4.55 27.47
N VAL C 196 37.96 4.56 28.56
CA VAL C 196 37.47 4.11 29.87
C VAL C 196 37.77 5.13 30.98
N PRO C 197 37.14 4.98 32.16
CA PRO C 197 37.51 5.81 33.31
C PRO C 197 38.98 5.64 33.70
N SER C 198 39.67 6.74 34.00
CA SER C 198 41.06 6.66 34.44
C SER C 198 41.13 6.26 35.91
N SER C 199 39.96 6.05 36.51
CA SER C 199 39.85 5.43 37.82
C SER C 199 39.99 3.92 37.66
N SER C 200 39.38 3.43 36.58
CA SER C 200 39.30 2.01 36.29
C SER C 200 40.51 1.45 35.54
N LEU C 201 41.68 2.00 35.80
CA LEU C 201 42.89 1.59 35.07
C LEU C 201 43.56 0.37 35.68
N GLY C 202 43.76 0.40 37.00
CA GLY C 202 44.37 -0.71 37.71
C GLY C 202 43.38 -1.49 38.55
N THR C 203 42.11 -1.46 38.13
CA THR C 203 41.05 -2.18 38.83
C THR C 203 40.25 -3.04 37.87
N GLN C 204 40.40 -2.78 36.58
CA GLN C 204 39.52 -3.40 35.58
C GLN C 204 40.26 -4.27 34.56
N THR C 205 39.64 -5.39 34.21
CA THR C 205 40.13 -6.29 33.18
C THR C 205 39.65 -5.88 31.78
N TYR C 206 40.57 -5.55 30.88
CA TYR C 206 40.23 -5.22 29.49
C TYR C 206 40.87 -6.16 28.49
N VAL C 207 40.03 -6.97 27.85
CA VAL C 207 40.52 -7.88 26.82
C VAL C 207 39.90 -7.57 25.46
N CYS C 208 40.72 -7.50 24.42
CA CYS C 208 40.16 -7.41 23.09
C CYS C 208 40.03 -8.82 22.51
N ASN C 209 38.90 -9.09 21.87
CA ASN C 209 38.71 -10.36 21.20
C ASN C 209 38.82 -10.13 19.71
N VAL C 210 39.89 -10.63 19.13
CA VAL C 210 40.19 -10.41 17.72
C VAL C 210 39.79 -11.61 16.89
N ASN C 211 39.14 -11.36 15.76
CA ASN C 211 38.70 -12.41 14.89
C ASN C 211 39.18 -12.16 13.49
N HIS C 212 39.94 -13.11 12.94
CA HIS C 212 40.35 -13.00 11.55
C HIS C 212 39.91 -14.26 10.82
N LYS C 213 38.64 -14.28 10.42
CA LYS C 213 38.02 -15.44 9.77
C LYS C 213 38.82 -16.07 8.63
N PRO C 214 39.41 -15.26 7.73
CA PRO C 214 40.18 -15.87 6.63
C PRO C 214 41.30 -16.82 7.08
N SER C 215 41.85 -16.65 8.27
CA SER C 215 42.91 -17.54 8.76
C SER C 215 42.49 -18.40 9.93
N ASN C 216 41.18 -18.42 10.20
CA ASN C 216 40.63 -19.16 11.32
C ASN C 216 41.30 -18.76 12.62
N THR C 217 41.59 -17.47 12.74
CA THR C 217 42.31 -16.93 13.89
C THR C 217 41.38 -16.25 14.89
N LYS C 218 41.56 -16.58 16.16
CA LYS C 218 40.84 -15.96 17.26
C LYS C 218 41.81 -15.72 18.40
N VAL C 219 42.03 -14.45 18.72
CA VAL C 219 43.04 -14.07 19.68
C VAL C 219 42.46 -13.16 20.75
N ASP C 220 42.70 -13.52 22.01
CA ASP C 220 42.34 -12.69 23.15
C ASP C 220 43.61 -12.09 23.75
N LYS C 221 43.60 -10.78 23.97
CA LYS C 221 44.76 -10.09 24.51
C LYS C 221 44.33 -9.10 25.61
N ARG C 222 44.97 -9.17 26.77
CA ARG C 222 44.71 -8.23 27.85
C ARG C 222 45.54 -6.97 27.69
N VAL C 223 45.01 -5.86 28.21
CA VAL C 223 45.63 -4.54 28.02
C VAL C 223 45.76 -3.76 29.32
N GLU C 224 46.98 -3.30 29.61
CA GLU C 224 47.23 -2.34 30.70
C GLU C 224 48.63 -1.74 30.61
N VAL D 3 21.27 1.06 -17.37
CA VAL D 3 20.35 2.07 -17.88
C VAL D 3 19.58 2.70 -16.72
N LEU D 4 19.61 2.05 -15.55
CA LEU D 4 19.02 2.62 -14.33
C LEU D 4 19.90 3.73 -13.75
N THR D 5 19.42 4.97 -13.90
CA THR D 5 20.19 6.17 -13.63
C THR D 5 19.78 6.87 -12.33
N GLN D 6 20.72 6.94 -11.38
CA GLN D 6 20.54 7.77 -10.17
C GLN D 6 21.68 8.78 -10.08
N PRO D 7 21.43 9.94 -9.46
CA PRO D 7 22.56 10.85 -9.19
C PRO D 7 23.53 10.19 -8.21
N PRO D 8 24.84 10.43 -8.34
CA PRO D 8 25.79 9.79 -7.43
C PRO D 8 25.72 10.30 -5.98
N SER D 9 25.25 11.53 -5.81
CA SER D 9 25.13 12.14 -4.48
C SER D 9 23.89 13.02 -4.38
N VAL D 10 23.35 13.16 -3.18
CA VAL D 10 22.25 14.08 -2.88
C VAL D 10 22.44 14.59 -1.44
N SER D 11 22.07 15.85 -1.19
CA SER D 11 22.18 16.43 0.15
C SER D 11 20.83 16.96 0.64
N GLY D 12 20.74 17.21 1.93
CA GLY D 12 19.51 17.73 2.52
C GLY D 12 19.72 18.24 3.92
N ALA D 13 18.83 19.13 4.36
CA ALA D 13 18.92 19.71 5.70
C ALA D 13 18.27 18.82 6.74
N PRO D 14 18.94 18.63 7.89
CA PRO D 14 18.42 17.88 9.03
C PRO D 14 16.97 18.24 9.36
N GLY D 15 16.08 17.25 9.43
CA GLY D 15 14.68 17.50 9.72
C GLY D 15 13.83 17.71 8.48
N GLN D 16 14.40 17.52 7.30
CA GLN D 16 13.66 17.86 6.10
C GLN D 16 13.61 16.77 5.03
N ARG D 17 12.86 17.06 3.96
CA ARG D 17 12.62 16.13 2.87
C ARG D 17 13.70 16.17 1.78
N VAL D 18 14.13 14.99 1.34
CA VAL D 18 14.99 14.87 0.16
C VAL D 18 14.41 13.80 -0.75
N THR D 19 14.64 13.91 -2.04
CA THR D 19 14.23 12.85 -2.96
C THR D 19 15.40 12.36 -3.78
N ILE D 20 15.34 11.07 -4.09
CA ILE D 20 16.35 10.38 -4.85
C ILE D 20 15.68 9.73 -6.05
N SER D 21 16.08 10.13 -7.23
CA SER D 21 15.40 9.68 -8.44
C SER D 21 16.15 8.57 -9.13
N CYS D 22 15.39 7.69 -9.76
CA CYS D 22 15.89 6.54 -10.48
C CYS D 22 15.27 6.57 -11.87
N ALA D 23 16.08 6.88 -12.88
CA ALA D 23 15.61 7.11 -14.24
C ALA D 23 15.88 5.92 -15.15
N GLY D 24 14.84 5.40 -15.78
CA GLY D 24 14.97 4.21 -16.61
C GLY D 24 14.31 4.32 -17.97
N THR D 25 13.76 3.20 -18.43
CA THR D 25 13.14 3.13 -19.75
C THR D 25 11.89 2.27 -19.66
N LYS D 26 11.21 2.11 -20.79
CA LYS D 26 9.98 1.34 -20.83
C LYS D 26 10.24 -0.13 -20.52
N SER D 27 11.41 -0.64 -20.88
CA SER D 27 11.70 -2.05 -20.68
C SER D 27 12.05 -2.38 -19.23
N ASN D 28 12.39 -1.37 -18.43
CA ASN D 28 12.59 -1.61 -17.01
C ASN D 28 11.53 -0.95 -16.11
N ILE D 29 11.77 0.28 -15.64
CA ILE D 29 10.87 0.96 -14.72
C ILE D 29 9.43 1.12 -15.25
N GLY D 30 9.31 1.36 -16.55
CA GLY D 30 7.99 1.52 -17.16
C GLY D 30 7.13 0.27 -17.03
N ASP D 31 7.73 -0.91 -17.24
CA ASP D 31 6.98 -2.16 -17.25
C ASP D 31 7.04 -2.99 -15.95
N CYS D 32 7.99 -2.70 -15.07
CA CYS D 32 8.27 -3.60 -13.95
C CYS D 32 8.24 -2.89 -12.60
N SER D 33 8.30 -3.66 -11.51
CA SER D 33 8.20 -3.09 -10.16
C SER D 33 9.56 -2.61 -9.66
N VAL D 34 9.60 -1.41 -9.09
CA VAL D 34 10.85 -0.90 -8.56
C VAL D 34 10.93 -1.22 -7.08
N SER D 35 12.14 -1.53 -6.59
CA SER D 35 12.33 -1.63 -5.16
C SER D 35 13.55 -0.79 -4.77
N TRP D 36 13.64 -0.45 -3.50
CA TRP D 36 14.64 0.49 -3.01
C TRP D 36 15.37 -0.13 -1.81
N TYR D 37 16.69 0.05 -1.77
CA TYR D 37 17.52 -0.50 -0.70
C TYR D 37 18.41 0.56 -0.10
N GLN D 38 18.58 0.48 1.22
CA GLN D 38 19.47 1.38 1.95
C GLN D 38 20.70 0.64 2.41
N GLN D 39 21.88 1.23 2.23
CA GLN D 39 23.11 0.59 2.71
C GLN D 39 24.00 1.61 3.41
N LEU D 40 24.08 1.50 4.72
CA LEU D 40 24.97 2.35 5.53
C LEU D 40 26.40 1.92 5.24
N PRO D 41 27.37 2.83 5.40
CA PRO D 41 28.76 2.50 5.09
C PRO D 41 29.22 1.19 5.74
N GLY D 42 29.73 0.26 4.93
CA GLY D 42 30.27 -0.99 5.42
C GLY D 42 29.21 -1.96 5.95
N ALA D 43 27.94 -1.63 5.70
CA ALA D 43 26.84 -2.43 6.20
C ALA D 43 26.16 -3.25 5.11
N THR D 44 25.30 -4.14 5.56
CA THR D 44 24.48 -4.96 4.69
C THR D 44 23.32 -4.11 4.18
N PRO D 45 23.01 -4.20 2.88
CA PRO D 45 21.84 -3.47 2.40
C PRO D 45 20.53 -3.90 3.09
N ARG D 46 19.56 -3.01 3.04
CA ARG D 46 18.28 -3.23 3.68
C ARG D 46 17.17 -2.74 2.76
N LEU D 47 16.17 -3.59 2.51
CA LEU D 47 14.99 -3.22 1.73
C LEU D 47 14.18 -2.11 2.39
N LEU D 48 13.90 -1.04 1.65
CA LEU D 48 13.01 0.01 2.15
C LEU D 48 11.61 -0.02 1.49
N ILE D 49 11.58 -0.25 0.18
CA ILE D 49 10.35 -0.12 -0.61
C ILE D 49 10.33 -1.20 -1.68
N TYR D 50 9.18 -1.78 -1.99
CA TYR D 50 9.08 -2.77 -3.06
C TYR D 50 7.75 -2.58 -3.79
N GLN D 51 7.59 -3.18 -4.96
CA GLN D 51 6.39 -2.95 -5.76
C GLN D 51 6.06 -1.46 -5.81
N ASN D 52 7.11 -0.67 -6.06
CA ASN D 52 7.06 0.78 -6.25
C ASN D 52 6.83 1.64 -4.99
N ASN D 53 5.94 1.21 -4.09
CA ASN D 53 5.45 2.09 -3.01
C ASN D 53 5.00 1.38 -1.75
N ASN D 54 5.21 0.05 -1.74
CA ASN D 54 4.88 -0.81 -0.63
C ASN D 54 6.00 -0.75 0.39
N ARG D 55 5.64 -0.76 1.64
CA ARG D 55 6.59 -0.59 2.73
C ARG D 55 6.57 -1.81 3.65
N PRO D 56 7.71 -2.50 3.79
CA PRO D 56 7.75 -3.67 4.66
C PRO D 56 7.46 -3.23 6.09
N SER D 57 6.97 -4.16 6.90
CA SER D 57 6.77 -3.89 8.31
C SER D 57 8.11 -3.54 8.94
N GLY D 58 8.16 -2.45 9.71
CA GLY D 58 9.38 -2.11 10.41
C GLY D 58 10.22 -1.08 9.70
N VAL D 59 9.80 -0.71 8.50
CA VAL D 59 10.45 0.38 7.81
C VAL D 59 9.69 1.66 8.10
N SER D 60 10.43 2.69 8.47
CA SER D 60 9.85 3.97 8.89
C SER D 60 8.89 4.50 7.85
N ASP D 61 7.84 5.16 8.32
CA ASP D 61 6.92 5.85 7.43
C ASP D 61 7.59 7.09 6.81
N ARG D 62 8.82 7.36 7.21
CA ARG D 62 9.57 8.49 6.66
C ARG D 62 10.02 8.19 5.24
N PHE D 63 10.13 6.91 4.91
CA PHE D 63 10.51 6.49 3.56
C PHE D 63 9.25 6.20 2.76
N SER D 64 9.23 6.68 1.52
CA SER D 64 8.11 6.42 0.64
C SER D 64 8.61 6.35 -0.79
N GLY D 65 7.99 5.48 -1.56
CA GLY D 65 8.39 5.29 -2.93
C GLY D 65 7.28 5.69 -3.88
N SER D 66 7.67 6.15 -5.07
CA SER D 66 6.71 6.50 -6.10
C SER D 66 7.26 6.09 -7.45
N LYS D 67 6.37 5.92 -8.42
CA LYS D 67 6.78 5.59 -9.78
C LYS D 67 5.83 6.26 -10.77
N SER D 68 6.35 7.19 -11.55
CA SER D 68 5.56 7.85 -12.58
C SER D 68 6.16 7.59 -13.95
N GLY D 69 5.51 6.72 -14.72
CA GLY D 69 5.94 6.41 -16.07
C GLY D 69 7.28 5.69 -16.09
N THR D 70 8.30 6.40 -16.55
CA THR D 70 9.60 5.81 -16.83
C THR D 70 10.60 5.99 -15.69
N SER D 71 10.27 6.87 -14.75
CA SER D 71 11.14 7.14 -13.60
C SER D 71 10.50 6.75 -12.27
N ALA D 72 11.33 6.50 -11.26
CA ALA D 72 10.88 6.26 -9.89
C ALA D 72 11.62 7.16 -8.91
N SER D 73 11.06 7.35 -7.72
CA SER D 73 11.64 8.27 -6.73
C SER D 73 11.46 7.76 -5.30
N LEU D 74 12.52 7.88 -4.51
CA LEU D 74 12.44 7.59 -3.08
C LEU D 74 12.39 8.90 -2.33
N ALA D 75 11.40 9.05 -1.47
CA ALA D 75 11.29 10.26 -0.66
C ALA D 75 11.62 9.94 0.79
N ILE D 76 12.47 10.77 1.38
CA ILE D 76 12.84 10.64 2.79
C ILE D 76 12.52 11.95 3.51
N THR D 77 11.54 11.91 4.39
CA THR D 77 11.15 13.09 5.17
C THR D 77 11.86 13.08 6.51
N GLY D 78 11.75 14.19 7.26
CA GLY D 78 12.34 14.35 8.58
C GLY D 78 13.75 13.78 8.65
N LEU D 79 14.61 14.24 7.75
CA LEU D 79 15.95 13.70 7.55
C LEU D 79 16.77 13.70 8.84
N GLN D 80 17.57 12.65 9.02
CA GLN D 80 18.33 12.51 10.25
C GLN D 80 19.74 12.06 9.96
N THR D 81 20.59 12.23 10.97
CA THR D 81 21.97 11.80 10.91
C THR D 81 22.08 10.37 10.38
N GLU D 82 21.27 9.49 10.95
CA GLU D 82 21.31 8.07 10.61
C GLU D 82 21.01 7.74 9.14
N ASP D 83 20.44 8.69 8.40
CA ASP D 83 20.02 8.40 7.02
C ASP D 83 21.17 8.49 6.03
N GLU D 84 22.32 9.02 6.44
CA GLU D 84 23.44 9.08 5.53
C GLU D 84 23.80 7.64 5.14
N ALA D 85 23.72 7.38 3.85
CA ALA D 85 23.82 6.03 3.30
C ALA D 85 23.86 6.06 1.79
N ASP D 86 24.14 4.92 1.20
CA ASP D 86 24.00 4.71 -0.23
C ASP D 86 22.60 4.12 -0.46
N TYR D 87 21.82 4.74 -1.35
CA TYR D 87 20.47 4.27 -1.67
C TYR D 87 20.41 3.75 -3.10
N PHE D 88 19.98 2.50 -3.29
CA PHE D 88 19.92 1.88 -4.62
C PHE D 88 18.50 1.57 -5.06
N CYS D 89 18.18 1.85 -6.32
CA CYS D 89 16.95 1.35 -6.91
C CYS D 89 17.26 0.04 -7.65
N LEU D 90 16.24 -0.78 -7.84
CA LEU D 90 16.36 -2.05 -8.54
C LEU D 90 15.12 -2.29 -9.38
N SER D 91 15.31 -2.77 -10.61
CA SER D 91 14.18 -3.16 -11.45
C SER D 91 14.58 -4.26 -12.40
N TYR D 92 13.62 -5.08 -12.81
CA TYR D 92 13.92 -6.03 -13.86
C TYR D 92 13.88 -5.25 -15.17
N ASP D 93 14.52 -5.79 -16.19
CA ASP D 93 14.61 -5.15 -17.49
C ASP D 93 14.32 -6.22 -18.54
N THR D 94 13.19 -6.07 -19.21
CA THR D 94 12.73 -7.10 -20.13
C THR D 94 13.55 -7.17 -21.41
N SER D 95 14.22 -6.08 -21.76
CA SER D 95 15.03 -6.05 -22.97
C SER D 95 16.37 -6.72 -22.71
N PHE D 96 16.86 -6.51 -21.49
CA PHE D 96 18.16 -7.00 -21.05
C PHE D 96 18.02 -8.44 -20.59
N SER D 97 16.80 -8.81 -20.20
CA SER D 97 16.51 -10.14 -19.65
C SER D 97 17.32 -10.37 -18.38
N GLY D 98 17.40 -9.35 -17.55
CA GLY D 98 18.13 -9.44 -16.31
C GLY D 98 17.80 -8.31 -15.38
N TRP D 99 18.25 -8.44 -14.13
CA TRP D 99 17.99 -7.42 -13.11
C TRP D 99 19.04 -6.34 -13.17
N ARG D 100 18.59 -5.10 -13.01
CA ARG D 100 19.47 -3.93 -13.02
C ARG D 100 19.34 -3.14 -11.73
N PHE D 101 20.46 -2.90 -11.07
CA PHE D 101 20.51 -1.98 -9.93
C PHE D 101 20.82 -0.60 -10.47
N GLY D 102 20.40 0.44 -9.76
CA GLY D 102 20.87 1.78 -10.05
C GLY D 102 22.30 1.93 -9.54
N GLY D 103 22.98 3.00 -9.94
CA GLY D 103 24.38 3.19 -9.58
C GLY D 103 24.53 3.55 -8.11
N GLY D 104 23.40 3.84 -7.47
CA GLY D 104 23.38 4.26 -6.08
C GLY D 104 23.48 5.77 -5.93
N THR D 105 22.79 6.30 -4.93
CA THR D 105 22.93 7.69 -4.57
C THR D 105 23.42 7.78 -3.13
N ARG D 106 24.58 8.41 -2.93
CA ARG D 106 25.07 8.59 -1.57
C ARG D 106 24.50 9.87 -0.96
N LEU D 107 23.75 9.69 0.11
CA LEU D 107 23.12 10.80 0.80
C LEU D 107 24.04 11.36 1.87
N THR D 108 24.10 12.68 1.97
CA THR D 108 24.74 13.34 3.09
C THR D 108 23.76 14.31 3.72
N VAL D 109 23.75 14.39 5.04
CA VAL D 109 22.91 15.33 5.76
C VAL D 109 23.74 16.50 6.28
N LEU D 110 23.37 17.71 5.88
CA LEU D 110 24.17 18.89 6.20
C LEU D 110 24.04 19.32 7.65
N GLY D 111 24.51 20.52 7.96
CA GLY D 111 24.30 21.10 9.28
C GLY D 111 25.29 20.65 10.34
N GLN D 112 26.12 19.69 9.99
CA GLN D 112 27.15 19.22 10.91
C GLN D 112 28.11 20.34 11.29
N PRO D 113 28.21 20.63 12.60
CA PRO D 113 29.20 21.60 13.08
C PRO D 113 30.64 21.12 12.85
N LYS D 114 31.54 22.05 12.52
CA LYS D 114 32.95 21.67 12.38
C LYS D 114 33.49 21.27 13.74
N ALA D 115 34.16 20.12 13.78
CA ALA D 115 34.67 19.59 15.02
C ALA D 115 36.15 19.30 14.89
N SER D 116 36.91 19.60 15.93
CA SER D 116 38.35 19.34 15.91
C SER D 116 38.63 17.92 16.39
N PRO D 117 39.68 17.30 15.84
CA PRO D 117 39.91 15.89 16.10
C PRO D 117 40.36 15.59 17.52
N THR D 118 39.87 14.49 18.06
CA THR D 118 40.49 13.85 19.22
C THR D 118 41.70 13.06 18.72
N VAL D 119 42.88 13.34 19.25
CA VAL D 119 44.12 12.65 18.84
C VAL D 119 44.61 11.75 19.95
N THR D 120 44.82 10.47 19.63
CA THR D 120 45.41 9.54 20.59
C THR D 120 46.64 8.89 19.99
N LEU D 121 47.77 8.96 20.72
CA LEU D 121 49.03 8.39 20.24
C LEU D 121 49.55 7.28 21.17
N PHE D 122 49.78 6.10 20.63
CA PHE D 122 50.25 4.97 21.45
C PHE D 122 51.71 4.64 21.15
N PRO D 123 52.49 4.36 22.22
CA PRO D 123 53.86 3.86 22.04
C PRO D 123 53.84 2.38 21.69
N PRO D 124 54.97 1.84 21.23
CA PRO D 124 55.09 0.39 20.97
C PRO D 124 54.80 -0.46 22.21
N SER D 125 54.25 -1.67 22.04
CA SER D 125 54.14 -2.61 23.14
C SER D 125 55.50 -3.24 23.41
N SER D 126 55.70 -3.73 24.63
CA SER D 126 56.96 -4.39 24.96
C SER D 126 57.06 -5.65 24.12
N GLU D 127 55.91 -6.27 23.87
CA GLU D 127 55.82 -7.48 23.08
C GLU D 127 56.25 -7.28 21.62
N GLU D 128 55.85 -6.17 21.01
CA GLU D 128 56.31 -5.86 19.66
C GLU D 128 57.81 -5.56 19.65
N LEU D 129 58.28 -4.85 20.68
CA LEU D 129 59.69 -4.53 20.80
C LEU D 129 60.57 -5.80 20.84
N GLN D 130 60.08 -6.86 21.49
CA GLN D 130 60.81 -8.11 21.52
C GLN D 130 60.94 -8.75 20.14
N ALA D 131 60.06 -8.37 19.21
CA ALA D 131 60.17 -8.82 17.84
C ALA D 131 61.01 -7.86 16.98
N ASN D 132 61.71 -6.94 17.65
CA ASN D 132 62.61 -5.95 17.03
C ASN D 132 61.92 -4.89 16.18
N LYS D 133 60.64 -4.68 16.46
CA LYS D 133 59.85 -3.63 15.80
C LYS D 133 59.16 -2.70 16.79
N ALA D 134 58.75 -1.55 16.30
CA ALA D 134 58.09 -0.54 17.11
C ALA D 134 57.11 0.26 16.23
N THR D 135 55.84 -0.03 16.37
CA THR D 135 54.85 0.73 15.61
C THR D 135 54.18 1.78 16.49
N LEU D 136 54.30 3.04 16.11
CA LEU D 136 53.57 4.09 16.81
C LEU D 136 52.24 4.25 16.11
N VAL D 137 51.16 4.22 16.89
CA VAL D 137 49.82 4.33 16.36
C VAL D 137 49.15 5.63 16.84
N CYS D 138 48.86 6.51 15.88
CA CYS D 138 48.16 7.76 16.16
C CYS D 138 46.72 7.69 15.64
N LEU D 139 45.78 7.72 16.57
CA LEU D 139 44.36 7.64 16.25
C LEU D 139 43.75 9.04 16.16
N ILE D 140 42.97 9.27 15.11
CA ILE D 140 42.36 10.58 14.91
C ILE D 140 40.86 10.43 14.68
N SER D 141 40.04 10.94 15.59
CA SER D 141 38.60 10.69 15.53
C SER D 141 37.73 11.93 15.80
N ASP D 142 36.44 11.79 15.50
CA ASP D 142 35.43 12.81 15.83
C ASP D 142 35.72 14.19 15.25
N PHE D 143 36.29 14.25 14.05
CA PHE D 143 36.54 15.54 13.43
C PHE D 143 35.65 15.78 12.21
N TYR D 144 35.43 17.07 11.89
CA TYR D 144 34.57 17.49 10.79
C TYR D 144 34.99 18.88 10.35
N PRO D 145 35.11 19.11 9.01
CA PRO D 145 34.97 18.23 7.86
C PRO D 145 36.04 17.15 7.80
N GLY D 146 35.90 16.20 6.89
CA GLY D 146 36.77 15.02 6.88
C GLY D 146 38.12 15.16 6.21
N VAL D 147 38.87 16.21 6.53
CA VAL D 147 40.23 16.36 6.00
C VAL D 147 41.22 16.72 7.11
N VAL D 148 42.35 16.00 7.14
CA VAL D 148 43.43 16.31 8.07
C VAL D 148 44.79 16.17 7.40
N LYS D 149 45.80 16.79 8.02
CA LYS D 149 47.19 16.55 7.66
C LYS D 149 47.91 15.95 8.86
N VAL D 150 48.78 14.98 8.61
CA VAL D 150 49.53 14.37 9.69
C VAL D 150 51.03 14.50 9.48
N ALA D 151 51.74 14.97 10.51
CA ALA D 151 53.19 14.95 10.50
C ALA D 151 53.72 14.23 11.72
N TRP D 152 54.78 13.46 11.52
CA TRP D 152 55.49 12.83 12.62
C TRP D 152 56.82 13.53 12.86
N LYS D 153 57.22 13.61 14.13
CA LYS D 153 58.53 14.13 14.48
C LYS D 153 59.22 13.19 15.46
N ALA D 154 60.55 13.19 15.45
CA ALA D 154 61.34 12.47 16.43
C ALA D 154 62.36 13.45 16.98
N ASP D 155 62.25 13.69 18.27
CA ASP D 155 63.03 14.69 18.97
C ASP D 155 62.58 15.93 18.24
N GLY D 156 63.47 16.61 17.58
CA GLY D 156 63.07 17.79 16.87
C GLY D 156 62.46 17.66 15.49
N SER D 157 63.08 16.82 14.68
CA SER D 157 62.81 16.82 13.26
C SER D 157 62.13 15.58 12.73
N ALA D 158 62.02 15.56 11.41
CA ALA D 158 61.39 14.49 10.63
C ALA D 158 62.00 13.14 10.98
N VAL D 159 61.17 12.10 11.00
CA VAL D 159 61.65 10.77 11.34
C VAL D 159 62.10 10.07 10.08
N ASN D 160 63.14 9.25 10.20
CA ASN D 160 63.57 8.42 9.10
C ASN D 160 62.86 7.08 9.14
N ALA D 161 61.61 7.08 8.70
CA ALA D 161 60.77 5.90 8.76
C ALA D 161 59.56 6.06 7.85
N GLY D 162 58.91 4.94 7.52
CA GLY D 162 57.71 4.99 6.70
C GLY D 162 56.47 5.37 7.49
N VAL D 163 55.59 6.14 6.86
CA VAL D 163 54.31 6.51 7.44
C VAL D 163 53.21 6.00 6.52
N GLU D 164 52.19 5.38 7.11
CA GLU D 164 50.97 5.07 6.36
C GLU D 164 49.81 5.72 7.11
N THR D 165 49.03 6.52 6.39
CA THR D 165 47.87 7.20 6.95
C THR D 165 46.64 6.87 6.13
N THR D 166 45.56 6.43 6.79
CA THR D 166 44.32 6.11 6.09
C THR D 166 43.70 7.38 5.55
N THR D 167 42.89 7.27 4.49
CA THR D 167 42.05 8.40 4.15
C THR D 167 40.89 8.44 5.15
N PRO D 168 40.51 9.63 5.62
CA PRO D 168 39.43 9.78 6.60
C PRO D 168 38.12 9.12 6.17
N SER D 169 37.50 8.36 7.08
CA SER D 169 36.25 7.68 6.76
C SER D 169 35.20 7.99 7.81
N LYS D 170 33.94 7.96 7.39
CA LYS D 170 32.84 8.32 8.29
C LYS D 170 32.67 7.35 9.45
N GLN D 171 32.46 7.91 10.65
CA GLN D 171 32.13 7.13 11.82
C GLN D 171 30.64 6.85 11.80
N SER D 172 30.16 6.14 12.82
CA SER D 172 28.75 5.83 12.89
C SER D 172 27.93 7.08 13.21
N ASN D 173 28.59 8.09 13.78
CA ASN D 173 27.91 9.34 14.14
C ASN D 173 28.14 10.47 13.13
N ASN D 174 28.66 10.11 11.96
CA ASN D 174 28.80 11.01 10.83
C ASN D 174 29.90 12.07 11.00
N LYS D 175 30.73 11.91 12.02
CA LYS D 175 32.01 12.60 12.10
C LYS D 175 33.04 11.70 11.44
N TYR D 176 34.30 12.11 11.37
CA TYR D 176 35.29 11.32 10.63
C TYR D 176 36.40 10.75 11.49
N ALA D 177 37.02 9.68 10.99
CA ALA D 177 38.13 9.05 11.68
C ALA D 177 39.24 8.75 10.71
N ALA D 178 40.47 8.76 11.22
CA ALA D 178 41.64 8.37 10.44
C ALA D 178 42.67 7.86 11.41
N SER D 179 43.65 7.15 10.89
CA SER D 179 44.73 6.74 11.73
C SER D 179 46.02 6.76 10.93
N SER D 180 47.12 6.95 11.65
CA SER D 180 48.45 7.03 11.05
C SER D 180 49.40 6.12 11.82
N TYR D 181 50.20 5.37 11.07
CA TYR D 181 51.08 4.36 11.61
C TYR D 181 52.53 4.73 11.26
N LEU D 182 53.39 4.85 12.27
CA LEU D 182 54.82 5.06 12.04
C LEU D 182 55.60 3.79 12.33
N SER D 183 56.30 3.24 11.35
CA SER D 183 56.95 1.93 11.52
C SER D 183 58.45 2.03 11.80
N LEU D 184 58.81 1.85 13.07
CA LEU D 184 60.20 1.89 13.51
C LEU D 184 60.77 0.50 13.83
N THR D 185 62.09 0.36 13.85
CA THR D 185 62.72 -0.78 14.51
C THR D 185 62.70 -0.50 16.00
N SER D 186 62.91 -1.53 16.84
CA SER D 186 63.01 -1.31 18.28
C SER D 186 64.24 -0.44 18.59
N ASP D 187 65.34 -0.67 17.87
CA ASP D 187 66.56 0.13 18.02
C ASP D 187 66.31 1.63 17.79
N GLN D 188 65.49 1.94 16.79
CA GLN D 188 65.10 3.33 16.50
C GLN D 188 64.28 3.96 17.61
N TRP D 189 63.26 3.22 18.04
CA TRP D 189 62.43 3.67 19.15
C TRP D 189 63.29 4.06 20.35
N LYS D 190 64.21 3.16 20.72
CA LYS D 190 65.01 3.34 21.92
C LYS D 190 66.06 4.43 21.76
N SER D 191 66.42 4.77 20.53
CA SER D 191 67.53 5.67 20.28
C SER D 191 67.12 7.14 20.33
N HIS D 192 65.84 7.40 20.58
CA HIS D 192 65.32 8.77 20.58
C HIS D 192 64.69 9.12 21.92
N LYS D 193 64.52 10.41 22.15
CA LYS D 193 64.02 10.90 23.44
C LYS D 193 62.51 11.08 23.45
N SER D 194 61.95 11.48 22.32
CA SER D 194 60.50 11.60 22.19
C SER D 194 60.04 11.65 20.74
N TYR D 195 58.84 11.11 20.52
CA TYR D 195 58.17 11.12 19.23
C TYR D 195 56.84 11.85 19.34
N SER D 196 56.47 12.58 18.29
CA SER D 196 55.22 13.33 18.27
C SER D 196 54.39 13.07 17.00
N CYS D 197 53.07 12.91 17.18
CA CYS D 197 52.10 12.91 16.08
C CYS D 197 51.40 14.26 15.99
N GLN D 198 51.56 14.96 14.87
CA GLN D 198 50.98 16.31 14.72
C GLN D 198 49.85 16.31 13.71
N VAL D 199 48.64 16.64 14.16
CA VAL D 199 47.46 16.57 13.29
C VAL D 199 46.84 17.95 13.06
N THR D 200 46.85 18.38 11.80
CA THR D 200 46.32 19.67 11.43
C THR D 200 44.96 19.52 10.77
N HIS D 201 44.01 20.32 11.25
CA HIS D 201 42.64 20.26 10.77
C HIS D 201 42.09 21.68 10.68
N GLU D 202 41.93 22.16 9.46
CA GLU D 202 41.43 23.50 9.18
C GLU D 202 42.12 24.59 10.01
N GLY D 203 43.45 24.68 9.83
CA GLY D 203 44.25 25.73 10.43
C GLY D 203 44.67 25.50 11.87
N SER D 204 44.12 24.48 12.51
CA SER D 204 44.43 24.20 13.91
C SER D 204 45.22 22.91 14.02
N THR D 205 46.25 22.91 14.84
CA THR D 205 47.07 21.71 15.01
C THR D 205 46.99 21.19 16.44
N VAL D 206 46.79 19.89 16.55
CA VAL D 206 46.85 19.19 17.83
C VAL D 206 48.03 18.21 17.78
N GLU D 207 48.80 18.15 18.85
CA GLU D 207 49.99 17.33 18.87
C GLU D 207 50.01 16.45 20.12
N LYS D 208 50.29 15.17 19.94
CA LYS D 208 50.51 14.27 21.07
C LYS D 208 51.93 13.72 21.00
N THR D 209 52.48 13.31 22.15
CA THR D 209 53.87 12.89 22.22
C THR D 209 53.96 11.60 23.03
N VAL D 210 54.94 10.75 22.70
CA VAL D 210 55.28 9.59 23.50
C VAL D 210 56.79 9.51 23.64
N ALA D 211 57.25 8.81 24.66
CA ALA D 211 58.66 8.71 24.96
C ALA D 211 58.97 7.31 25.46
N PRO D 212 60.14 6.77 25.11
CA PRO D 212 60.57 5.47 25.63
C PRO D 212 60.55 5.43 27.16
C1 MAN E . 0.62 3.13 18.86
C2 MAN E . -0.05 2.23 17.86
C3 MAN E . -1.39 2.73 17.38
C4 MAN E . -2.32 3.37 18.38
C5 MAN E . -1.62 3.77 19.67
C6 MAN E . -1.76 2.65 20.65
O1 MAN E . 1.84 3.58 18.24
O2 MAN E . -0.16 1.01 18.59
O3 MAN E . -2.08 1.58 17.07
O4 MAN E . -3.03 4.48 17.84
O5 MAN E . -0.26 4.16 19.35
O6 MAN E . -1.43 1.43 20.03
C1 MAN E . -1.97 1.38 15.69
C2 MAN E . -3.25 0.65 15.31
C3 MAN E . -3.30 -0.62 16.11
C4 MAN E . -2.12 -1.46 15.69
C5 MAN E . -0.83 -0.73 15.93
C6 MAN E . 0.31 -1.47 15.24
O2 MAN E . -3.24 0.37 13.94
O3 MAN E . -4.49 -1.37 15.96
O4 MAN E . -2.17 -2.66 16.39
O5 MAN E . -0.84 0.58 15.41
O6 MAN E . 0.38 -1.20 13.86
C1 MAN E . -4.16 1.13 13.18
C2 MAN E . -4.21 0.58 11.75
C3 MAN E . -2.97 0.98 10.98
C4 MAN E . -2.83 2.47 11.06
C5 MAN E . -2.76 2.91 12.51
C6 MAN E . -2.60 4.39 12.60
O2 MAN E . -5.27 1.14 11.06
O3 MAN E . -3.07 0.59 9.64
O4 MAN E . -1.69 2.88 10.34
O5 MAN E . -3.92 2.50 13.21
O6 MAN E . -2.26 4.68 13.92
CA CA F . -68.46 14.29 -32.91
CA CA G . 1.81 0.91 -8.49
#